data_5FK7
#
_entry.id   5FK7
#
_cell.length_a   74.751
_cell.length_b   205.272
_cell.length_c   145.902
_cell.angle_alpha   90.00
_cell.angle_beta   90.00
_cell.angle_gamma   90.00
#
_symmetry.space_group_name_H-M   'P 21 21 2'
#
loop_
_entity.id
_entity.type
_entity.pdbx_description
1 polymer BETA-FRUCTOFURANOSIDASE
2 branched beta-D-fructofuranose-(2-1)-[beta-D-fructofuranose-(2-6)]alpha-D-glucopyranose
3 branched alpha-D-mannopyranose-(1-3)-alpha-D-mannopyranose-(1-6)-[alpha-D-mannopyranose-(1-3)]beta-D-mannopyranose-(1-4)-2-acetamido-2-deoxy-beta-D-glucopyranose-(1-4)-2-acetamido-2-deoxy-beta-D-glucopyranose
4 branched alpha-D-mannopyranose-(1-2)-alpha-D-mannopyranose-(1-6)-[alpha-D-mannopyranose-(1-3)]alpha-D-mannopyranose-(1-6)-[alpha-D-mannopyranose-(1-2)-alpha-D-mannopyranose-(1-3)]beta-D-mannopyranose-(1-4)-2-acetamido-2-deoxy-beta-D-glucopyranose-(1-4)-2-acetamido-2-deoxy-beta-D-glucopyranose
5 branched 2-acetamido-2-deoxy-beta-D-glucopyranose-(1-4)-2-acetamido-2-deoxy-beta-D-glucopyranose
6 non-polymer 2-acetamido-2-deoxy-beta-D-glucopyranose
7 water water
#
_entity_poly.entity_id   1
_entity_poly.type   'polypeptide(L)'
_entity_poly.pdbx_seq_one_letter_code
;APLLKTLPFLAAAYAAELDLPNFSALNRRQDNSTSSSAGCSLDQTVAPGNLTLCGNATLFTTFRPKARFIAPEGWMNAPM
GLYQRADGSIHAGYQSHPKHIQWGNISQGAAYSSDFTSWTDFNGSEGYKTIWPSQIYDIRGVFDGSIIKEGIDGYPTILY
TSTSFGPLGATLNEAEGTETQSLAYTTDDGASWIKLGYGAGQNPVIYEWPETNLTGFRDPYVFQSPRLEALLANTTSITN
ATGDHFATISGGVHGDGARLFLYRQHTTGEFIKWTYLGPLVTTGYKESYGEWSGNYGINFETAGVTRLNPAGAAWDNGSD
TTAVDFVTFGTEQGRADHQNHWPLWAAVDYEVRDNGSIEAVIAYSGVQDWGRSYAYASFPVEGYRQVSVGWIYEDDDNVI
LAKQFGYQGAFTLFRDLFVKVVENVSPSTPGLFEQASWSTKNSTDGMSVTVTTLGQRVVPETLAAYKGNSTVSTLAPVML
NESAAAYTPFSSQPTDRFYALTGSFEFGLNTTAKAGFRVLASEEEYTDIWFDPASENLTVVRTASSLIKSFGNDTELAKV
KLYEIVGAESKTLNLTVFVDGSVIEIYANDEVALSTRAYPWLANSTGAGLLADGTTAGDVVGVSGLELWDGLVDAWPARP
ANTSQGLVWDGPTAAMYGLFAGY
;
_entity_poly.pdbx_strand_id   A,B
#
# COMPACT_ATOMS: atom_id res chain seq x y z
N CYS A 40 -6.87 21.70 -36.49
CA CYS A 40 -6.32 21.49 -35.11
C CYS A 40 -4.88 21.01 -35.13
N SER A 41 -3.97 21.89 -34.75
CA SER A 41 -2.58 21.50 -34.55
C SER A 41 -2.34 21.39 -33.03
N LEU A 42 -1.59 20.38 -32.63
CA LEU A 42 -1.18 20.19 -31.25
C LEU A 42 0.30 20.52 -31.07
N ASP A 43 0.81 21.43 -31.90
CA ASP A 43 2.22 21.81 -31.85
C ASP A 43 2.36 22.78 -30.70
N GLN A 44 2.97 22.30 -29.61
CA GLN A 44 3.21 23.14 -28.42
C GLN A 44 4.54 23.92 -28.47
N THR A 45 5.20 23.95 -29.63
CA THR A 45 6.37 24.82 -29.84
C THR A 45 6.01 26.14 -30.48
N VAL A 46 4.76 26.29 -30.92
CA VAL A 46 4.27 27.54 -31.51
C VAL A 46 2.99 27.95 -30.82
N ALA A 47 2.53 29.17 -31.10
CA ALA A 47 1.33 29.72 -30.49
C ALA A 47 0.15 28.79 -30.72
N PRO A 48 -0.83 28.79 -29.78
CA PRO A 48 -1.97 27.91 -29.95
C PRO A 48 -2.88 28.42 -31.06
N GLY A 49 -3.39 27.51 -31.87
CA GLY A 49 -4.40 27.88 -32.86
C GLY A 49 -5.77 28.03 -32.23
N ASN A 50 -6.79 27.73 -33.03
CA ASN A 50 -8.15 27.68 -32.55
C ASN A 50 -8.38 26.25 -32.06
N LEU A 51 -8.27 26.07 -30.74
CA LEU A 51 -8.32 24.73 -30.16
C LEU A 51 -9.74 24.15 -30.13
N THR A 52 -10.77 25.00 -30.25
CA THR A 52 -12.16 24.54 -30.39
C THR A 52 -12.44 23.72 -31.64
N LEU A 53 -11.53 23.74 -32.63
CA LEU A 53 -11.62 22.85 -33.79
C LEU A 53 -11.11 21.43 -33.51
N CYS A 54 -10.43 21.24 -32.39
CA CYS A 54 -9.87 19.94 -32.05
C CYS A 54 -10.96 18.97 -31.66
N GLY A 55 -10.72 17.70 -31.94
CA GLY A 55 -11.68 16.64 -31.66
C GLY A 55 -11.80 16.34 -30.17
N ASN A 56 -12.74 15.47 -29.85
CA ASN A 56 -12.99 15.05 -28.46
C ASN A 56 -11.77 14.38 -27.87
N ALA A 57 -11.37 14.78 -26.66
CA ALA A 57 -10.25 14.17 -25.94
C ALA A 57 -8.88 14.26 -26.66
N THR A 58 -8.74 15.19 -27.62
CA THR A 58 -7.45 15.39 -28.29
C THR A 58 -6.48 16.13 -27.37
N LEU A 59 -7.00 16.89 -26.41
CA LEU A 59 -6.19 17.50 -25.38
C LEU A 59 -6.19 16.73 -24.04
N PHE A 60 -6.35 15.41 -24.09
CA PHE A 60 -6.56 14.60 -22.88
C PHE A 60 -5.36 14.68 -21.93
N THR A 61 -4.16 14.49 -22.46
CA THR A 61 -2.95 14.49 -21.64
C THR A 61 -2.28 15.85 -21.48
N THR A 62 -2.67 16.85 -22.26
CA THR A 62 -1.96 18.13 -22.33
C THR A 62 -1.86 18.86 -21.00
N PHE A 63 -2.96 18.94 -20.26
CA PHE A 63 -3.01 19.67 -18.99
C PHE A 63 -3.34 18.78 -17.79
N ARG A 64 -3.26 17.46 -17.95
CA ARG A 64 -3.91 16.53 -17.03
C ARG A 64 -3.04 16.24 -15.81
N PRO A 65 -3.61 16.35 -14.59
CA PRO A 65 -2.84 15.91 -13.42
C PRO A 65 -2.45 14.45 -13.50
N LYS A 66 -1.27 14.12 -13.00
CA LYS A 66 -0.76 12.74 -12.90
C LYS A 66 -0.54 12.22 -11.47
N ALA A 67 -0.42 13.11 -10.49
CA ALA A 67 0.04 12.72 -9.14
C ALA A 67 -1.04 12.76 -8.04
N ARG A 68 -2.31 12.81 -8.45
CA ARG A 68 -3.43 12.97 -7.53
C ARG A 68 -4.63 12.14 -7.95
N PHE A 69 -5.62 12.10 -7.08
CA PHE A 69 -6.85 11.40 -7.37
C PHE A 69 -7.60 12.14 -8.49
N ILE A 70 -7.96 11.40 -9.54
CA ILE A 70 -8.78 11.90 -10.63
C ILE A 70 -9.49 10.71 -11.27
N ALA A 71 -10.70 10.93 -11.77
CA ALA A 71 -11.46 9.89 -12.49
C ALA A 71 -10.70 9.43 -13.74
N PRO A 72 -10.98 8.21 -14.24
CA PRO A 72 -10.32 7.80 -15.49
C PRO A 72 -10.62 8.72 -16.69
N GLU A 73 -11.83 9.26 -16.74
CA GLU A 73 -12.26 10.17 -17.78
C GLU A 73 -13.59 10.84 -17.41
N GLY A 74 -13.99 11.82 -18.19
CA GLY A 74 -15.28 12.44 -18.04
C GLY A 74 -15.41 13.36 -16.86
N TRP A 75 -16.64 13.59 -16.45
CA TRP A 75 -16.97 14.53 -15.41
C TRP A 75 -16.82 13.92 -14.01
N MET A 76 -16.20 14.65 -13.10
CA MET A 76 -16.26 14.35 -11.67
C MET A 76 -16.49 15.62 -10.87
N ASN A 77 -17.12 15.47 -9.70
CA ASN A 77 -17.14 16.53 -8.72
C ASN A 77 -16.83 16.00 -7.30
N ALA A 78 -17.76 16.13 -6.37
CA ALA A 78 -17.51 15.94 -4.93
C ALA A 78 -17.00 14.55 -4.55
N PRO A 79 -15.99 14.49 -3.68
CA PRO A 79 -15.68 13.24 -2.99
C PRO A 79 -16.89 12.77 -2.20
N MET A 80 -17.01 11.47 -2.06
CA MET A 80 -18.11 10.85 -1.31
C MET A 80 -17.70 9.48 -0.83
N GLY A 81 -18.49 8.93 0.08
CA GLY A 81 -18.34 7.54 0.54
C GLY A 81 -16.95 7.20 1.04
N LEU A 82 -16.29 8.15 1.69
CA LEU A 82 -14.92 7.97 2.14
C LEU A 82 -14.88 7.13 3.42
N TYR A 83 -14.05 6.09 3.41
CA TYR A 83 -13.81 5.32 4.64
C TYR A 83 -12.55 4.49 4.55
N GLN A 84 -11.97 4.24 5.72
CA GLN A 84 -10.87 3.31 5.82
C GLN A 84 -11.43 1.93 5.98
N ARG A 85 -11.07 1.04 5.07
CA ARG A 85 -11.60 -0.32 5.05
C ARG A 85 -10.92 -1.16 6.13
N ALA A 86 -11.48 -2.34 6.38
CA ALA A 86 -10.99 -3.25 7.40
C ALA A 86 -9.52 -3.63 7.21
N ASP A 87 -9.05 -3.68 5.96
CA ASP A 87 -7.64 -4.00 5.68
C ASP A 87 -6.69 -2.81 5.81
N GLY A 88 -7.21 -1.65 6.21
CA GLY A 88 -6.42 -0.45 6.38
C GLY A 88 -6.36 0.45 5.15
N SER A 89 -6.79 -0.05 4.00
CA SER A 89 -6.77 0.74 2.78
C SER A 89 -7.87 1.80 2.80
N ILE A 90 -7.76 2.78 1.92
CA ILE A 90 -8.70 3.89 1.85
C ILE A 90 -9.61 3.68 0.64
N HIS A 91 -10.92 3.69 0.87
CA HIS A 91 -11.91 3.71 -0.17
C HIS A 91 -12.34 5.14 -0.40
N ALA A 92 -12.24 5.59 -1.66
CA ALA A 92 -12.69 6.92 -2.03
C ALA A 92 -13.70 6.81 -3.16
N GLY A 93 -14.88 7.36 -2.92
CA GLY A 93 -15.87 7.54 -3.94
C GLY A 93 -15.86 8.97 -4.45
N TYR A 94 -16.52 9.19 -5.57
CA TYR A 94 -16.70 10.54 -6.12
C TYR A 94 -17.89 10.64 -7.04
N GLN A 95 -18.51 11.82 -7.04
CA GLN A 95 -19.59 12.12 -7.98
C GLN A 95 -19.00 12.02 -9.40
N SER A 96 -19.63 11.23 -10.26
CA SER A 96 -19.09 10.83 -11.55
C SER A 96 -20.13 10.79 -12.64
N HIS A 97 -19.77 11.32 -13.83
CA HIS A 97 -20.57 11.15 -15.05
C HIS A 97 -19.63 10.77 -16.21
N PRO A 98 -19.35 9.46 -16.36
CA PRO A 98 -18.45 9.01 -17.42
C PRO A 98 -18.91 9.40 -18.82
N LYS A 99 -17.95 9.65 -19.71
CA LYS A 99 -18.20 9.89 -21.15
C LYS A 99 -19.00 11.17 -21.43
N HIS A 100 -19.03 12.07 -20.45
CA HIS A 100 -19.64 13.36 -20.56
C HIS A 100 -18.65 14.33 -19.91
N ILE A 101 -18.82 15.62 -20.22
CA ILE A 101 -18.01 16.68 -19.59
C ILE A 101 -18.84 17.75 -18.87
N GLN A 102 -20.13 17.49 -18.72
CA GLN A 102 -20.97 18.21 -17.78
C GLN A 102 -21.66 17.19 -16.87
N TRP A 103 -22.13 17.69 -15.73
CA TRP A 103 -22.81 16.90 -14.71
C TRP A 103 -24.08 16.24 -15.23
N GLY A 104 -24.37 15.05 -14.74
CA GLY A 104 -25.60 14.34 -15.07
C GLY A 104 -25.55 12.90 -14.61
N ASN A 105 -26.72 12.27 -14.52
CA ASN A 105 -26.88 10.86 -14.08
C ASN A 105 -25.94 10.53 -12.93
N ILE A 106 -25.88 11.42 -11.95
CA ILE A 106 -24.68 11.47 -11.14
C ILE A 106 -24.58 10.20 -10.31
N SER A 107 -23.40 9.61 -10.31
CA SER A 107 -23.14 8.29 -9.77
C SER A 107 -21.90 8.32 -8.88
N GLN A 108 -21.69 7.25 -8.11
CA GLN A 108 -20.45 7.08 -7.37
C GLN A 108 -19.47 6.29 -8.22
N GLY A 109 -18.37 6.95 -8.62
CA GLY A 109 -17.17 6.27 -9.10
C GLY A 109 -16.33 5.97 -7.88
N ALA A 110 -15.48 4.94 -7.95
CA ALA A 110 -14.69 4.59 -6.78
C ALA A 110 -13.34 3.99 -7.09
N ALA A 111 -12.45 4.13 -6.11
CA ALA A 111 -11.11 3.56 -6.17
C ALA A 111 -10.59 3.35 -4.75
N TYR A 112 -9.44 2.67 -4.63
CA TYR A 112 -8.83 2.41 -3.35
C TYR A 112 -7.32 2.58 -3.38
N SER A 113 -6.75 2.79 -2.19
CA SER A 113 -5.33 3.05 -2.01
C SER A 113 -4.89 2.61 -0.63
N SER A 114 -3.66 2.12 -0.52
CA SER A 114 -3.12 1.82 0.80
C SER A 114 -2.36 3.00 1.41
N ASP A 115 -2.17 4.10 0.69
CA ASP A 115 -1.32 5.21 1.18
C ASP A 115 -1.79 6.62 0.78
N PHE A 116 -3.06 6.76 0.40
CA PHE A 116 -3.66 8.01 -0.11
C PHE A 116 -3.10 8.50 -1.46
N THR A 117 -2.12 7.80 -2.02
CA THR A 117 -1.26 8.38 -3.04
C THR A 117 -1.27 7.59 -4.34
N SER A 118 -1.09 6.27 -4.25
CA SER A 118 -1.17 5.37 -5.38
C SER A 118 -2.51 4.64 -5.35
N TRP A 119 -3.29 4.77 -6.42
CA TRP A 119 -4.68 4.32 -6.44
C TRP A 119 -4.93 3.24 -7.47
N THR A 120 -5.98 2.47 -7.21
CA THR A 120 -6.48 1.48 -8.15
C THR A 120 -8.01 1.61 -8.30
N ASP A 121 -8.45 1.66 -9.55
CA ASP A 121 -9.88 1.78 -9.86
C ASP A 121 -10.61 0.47 -9.55
N PHE A 122 -11.83 0.56 -9.06
CA PHE A 122 -12.72 -0.61 -9.07
C PHE A 122 -13.12 -0.85 -10.53
N ASN A 123 -13.40 -2.10 -10.87
CA ASN A 123 -13.84 -2.52 -12.19
C ASN A 123 -14.92 -3.59 -12.03
N GLY A 124 -16.16 -3.22 -12.32
CA GLY A 124 -17.30 -4.14 -12.24
C GLY A 124 -18.15 -4.01 -13.49
N SER A 125 -19.40 -4.41 -13.39
CA SER A 125 -20.30 -4.39 -14.54
C SER A 125 -20.54 -2.97 -15.08
N GLU A 126 -20.39 -1.94 -14.24
CA GLU A 126 -20.51 -0.56 -14.68
C GLU A 126 -19.17 0.15 -14.68
N GLY A 127 -18.10 -0.57 -15.02
CA GLY A 127 -16.80 0.02 -15.13
C GLY A 127 -16.30 0.41 -13.76
N TYR A 128 -15.98 1.69 -13.58
CA TYR A 128 -15.49 2.18 -12.31
C TYR A 128 -16.60 2.76 -11.41
N LYS A 129 -17.84 2.73 -11.88
CA LYS A 129 -18.98 3.08 -11.03
C LYS A 129 -19.33 1.95 -10.08
N THR A 130 -19.77 2.32 -8.88
CA THR A 130 -20.28 1.35 -7.90
C THR A 130 -21.69 1.63 -7.38
N ILE A 131 -22.19 2.86 -7.54
CA ILE A 131 -23.60 3.16 -7.26
C ILE A 131 -24.08 4.11 -8.35
N TRP A 132 -25.29 3.89 -8.84
CA TRP A 132 -25.85 4.68 -9.93
C TRP A 132 -27.36 4.81 -9.78
N PRO A 133 -27.95 5.83 -10.42
CA PRO A 133 -29.41 5.98 -10.41
C PRO A 133 -30.09 4.73 -10.93
N SER A 134 -31.03 4.18 -10.17
CA SER A 134 -31.70 2.93 -10.54
C SER A 134 -33.13 2.74 -10.03
N GLN A 135 -33.64 3.66 -9.21
CA GLN A 135 -34.93 3.52 -8.58
C GLN A 135 -35.64 4.85 -8.67
N ILE A 136 -36.97 4.83 -8.57
CA ILE A 136 -37.73 6.08 -8.62
C ILE A 136 -37.19 7.15 -7.66
N TYR A 137 -36.71 6.69 -6.50
CA TYR A 137 -36.25 7.60 -5.44
C TYR A 137 -34.88 8.23 -5.66
N ASP A 138 -34.03 7.59 -6.46
CA ASP A 138 -32.71 8.15 -6.78
C ASP A 138 -32.40 8.30 -8.31
N ILE A 139 -33.42 8.19 -9.17
CA ILE A 139 -33.20 8.13 -10.63
C ILE A 139 -32.61 9.45 -11.19
N ARG A 140 -32.82 10.56 -10.49
CA ARG A 140 -32.34 11.86 -10.91
C ARG A 140 -30.88 12.10 -10.52
N GLY A 141 -30.31 11.20 -9.69
CA GLY A 141 -28.93 11.31 -9.27
C GLY A 141 -28.70 10.70 -7.88
N VAL A 142 -27.60 9.96 -7.76
CA VAL A 142 -27.06 9.49 -6.51
C VAL A 142 -26.08 10.57 -6.05
N PHE A 143 -26.57 11.46 -5.19
CA PHE A 143 -25.81 12.61 -4.72
C PHE A 143 -24.84 12.15 -3.60
N ASP A 144 -24.21 13.12 -2.93
CA ASP A 144 -23.21 12.85 -1.88
C ASP A 144 -23.77 11.97 -0.75
N GLY A 145 -22.90 11.16 -0.19
CA GLY A 145 -23.22 10.33 0.97
C GLY A 145 -21.98 10.01 1.77
N SER A 146 -22.19 9.46 2.96
CA SER A 146 -21.11 9.12 3.88
C SER A 146 -21.34 7.76 4.51
N ILE A 147 -20.31 7.25 5.17
CA ILE A 147 -20.23 5.85 5.53
C ILE A 147 -20.49 5.60 7.02
N ILE A 148 -21.41 4.67 7.27
CA ILE A 148 -21.55 3.99 8.54
C ILE A 148 -20.71 2.74 8.45
N LYS A 149 -19.59 2.69 9.19
CA LYS A 149 -18.65 1.56 9.04
C LYS A 149 -19.21 0.21 9.52
N GLU A 150 -19.97 0.23 10.61
CA GLU A 150 -20.69 -0.98 11.07
C GLU A 150 -22.18 -0.79 10.96
N GLY A 151 -22.71 -1.09 9.79
CA GLY A 151 -24.10 -0.76 9.45
C GLY A 151 -24.94 -2.00 9.29
N ILE A 152 -25.74 -2.01 8.23
CA ILE A 152 -26.67 -3.10 7.95
C ILE A 152 -25.95 -4.43 7.96
N ASP A 153 -26.39 -5.33 8.85
CA ASP A 153 -25.78 -6.67 9.05
C ASP A 153 -24.29 -6.62 9.33
N GLY A 154 -23.83 -5.55 9.98
CA GLY A 154 -22.42 -5.35 10.25
C GLY A 154 -21.56 -4.84 9.10
N TYR A 155 -22.14 -4.61 7.92
CA TYR A 155 -21.36 -4.21 6.74
C TYR A 155 -21.23 -2.69 6.62
N PRO A 156 -20.16 -2.21 5.96
CA PRO A 156 -20.13 -0.79 5.67
C PRO A 156 -21.36 -0.38 4.87
N THR A 157 -21.92 0.76 5.24
CA THR A 157 -23.21 1.19 4.78
C THR A 157 -23.10 2.67 4.44
N ILE A 158 -23.68 3.05 3.30
CA ILE A 158 -23.67 4.45 2.89
C ILE A 158 -25.06 5.02 3.08
N LEU A 159 -25.12 6.22 3.67
CA LEU A 159 -26.32 7.01 3.70
C LEU A 159 -26.07 8.13 2.70
N TYR A 160 -26.91 8.22 1.68
CA TYR A 160 -26.69 9.16 0.56
C TYR A 160 -27.94 9.90 0.18
N THR A 161 -27.79 11.04 -0.47
CA THR A 161 -28.95 11.76 -0.98
C THR A 161 -29.44 11.13 -2.29
N SER A 162 -30.63 10.55 -2.23
CA SER A 162 -31.32 9.99 -3.37
C SER A 162 -32.25 11.05 -3.91
N THR A 163 -32.08 11.41 -5.18
CA THR A 163 -32.89 12.47 -5.79
C THR A 163 -33.84 11.93 -6.85
N SER A 164 -35.03 12.53 -6.92
CA SER A 164 -36.03 12.23 -7.93
C SER A 164 -36.36 13.54 -8.64
N PHE A 165 -37.51 13.66 -9.27
N PHE A 165 -37.52 13.67 -9.25
CA PHE A 165 -37.83 14.74 -10.17
CA PHE A 165 -37.86 14.70 -10.19
C PHE A 165 -38.24 15.97 -9.43
C PHE A 165 -38.31 15.96 -9.46
N GLY A 166 -38.34 17.09 -10.13
CA GLY A 166 -38.85 18.34 -9.66
C GLY A 166 -37.74 19.36 -9.66
N PRO A 167 -38.08 20.64 -9.56
CA PRO A 167 -37.06 21.67 -9.36
C PRO A 167 -36.17 21.37 -8.15
N LEU A 168 -34.86 21.48 -8.34
CA LEU A 168 -33.88 21.15 -7.31
C LEU A 168 -32.83 22.25 -7.32
N GLY A 169 -32.74 23.00 -6.23
CA GLY A 169 -31.77 24.07 -6.11
C GLY A 169 -32.18 25.13 -5.12
N ALA A 170 -31.17 25.80 -4.57
CA ALA A 170 -31.34 26.81 -3.53
C ALA A 170 -32.07 28.06 -4.03
N THR A 171 -31.99 28.34 -5.33
CA THR A 171 -32.69 29.49 -5.93
C THR A 171 -33.98 29.09 -6.68
N LEU A 172 -34.44 27.86 -6.52
CA LEU A 172 -35.65 27.36 -7.16
C LEU A 172 -36.66 27.02 -6.08
N ASN A 173 -37.86 26.66 -6.50
CA ASN A 173 -38.91 26.30 -5.57
C ASN A 173 -38.96 24.78 -5.44
N GLU A 174 -37.99 24.23 -4.73
CA GLU A 174 -37.92 22.79 -4.51
C GLU A 174 -39.03 22.33 -3.58
N ALA A 175 -39.47 21.10 -3.77
CA ALA A 175 -40.50 20.52 -2.92
C ALA A 175 -39.99 19.25 -2.30
N GLU A 176 -40.69 18.86 -1.25
CA GLU A 176 -40.41 17.68 -0.48
C GLU A 176 -40.49 16.44 -1.38
N GLY A 177 -39.57 15.49 -1.18
CA GLY A 177 -39.50 14.29 -2.02
C GLY A 177 -38.40 14.34 -3.10
N THR A 178 -38.14 15.53 -3.63
CA THR A 178 -37.11 15.68 -4.66
C THR A 178 -35.75 15.23 -4.13
N GLU A 179 -35.43 15.57 -2.88
CA GLU A 179 -34.22 15.08 -2.22
C GLU A 179 -34.59 14.30 -0.98
N THR A 180 -34.22 13.02 -0.95
CA THR A 180 -34.42 12.17 0.21
C THR A 180 -33.10 11.51 0.55
N GLN A 181 -33.07 10.71 1.62
CA GLN A 181 -31.83 10.03 2.02
C GLN A 181 -32.06 8.55 2.14
N SER A 182 -31.14 7.78 1.58
CA SER A 182 -31.30 6.36 1.38
C SER A 182 -30.05 5.62 1.78
N LEU A 183 -30.22 4.32 2.06
CA LEU A 183 -29.14 3.45 2.48
C LEU A 183 -28.80 2.39 1.46
N ALA A 184 -27.51 2.06 1.39
CA ALA A 184 -27.02 0.90 0.70
C ALA A 184 -25.83 0.34 1.48
N TYR A 185 -25.57 -0.95 1.32
CA TYR A 185 -24.46 -1.57 2.04
C TYR A 185 -23.65 -2.45 1.10
N THR A 186 -22.39 -2.70 1.48
CA THR A 186 -21.48 -3.48 0.65
C THR A 186 -21.01 -4.72 1.37
N THR A 187 -21.14 -5.88 0.71
CA THR A 187 -20.61 -7.15 1.22
C THR A 187 -19.26 -7.52 0.62
N ASP A 188 -18.70 -6.65 -0.22
CA ASP A 188 -17.45 -6.95 -0.92
C ASP A 188 -16.50 -5.75 -0.87
N ASP A 189 -16.50 -5.03 0.25
CA ASP A 189 -15.56 -3.93 0.49
C ASP A 189 -15.57 -2.80 -0.56
N GLY A 190 -16.77 -2.50 -1.07
CA GLY A 190 -16.95 -1.39 -1.98
C GLY A 190 -16.90 -1.73 -3.46
N ALA A 191 -16.75 -2.99 -3.83
CA ALA A 191 -16.83 -3.37 -5.25
C ALA A 191 -18.26 -3.20 -5.77
N SER A 192 -19.25 -3.43 -4.89
CA SER A 192 -20.66 -3.23 -5.21
C SER A 192 -21.45 -2.83 -3.97
N TRP A 193 -22.61 -2.23 -4.18
CA TRP A 193 -23.50 -1.83 -3.08
C TRP A 193 -24.90 -2.34 -3.38
N ILE A 194 -25.58 -2.79 -2.33
CA ILE A 194 -26.96 -3.23 -2.39
C ILE A 194 -27.82 -2.21 -1.66
N LYS A 195 -28.76 -1.60 -2.38
CA LYS A 195 -29.69 -0.64 -1.79
C LYS A 195 -30.79 -1.41 -1.06
N LEU A 196 -31.29 -0.86 0.04
CA LEU A 196 -32.52 -1.38 0.64
C LEU A 196 -33.64 -1.21 -0.36
N GLY A 197 -34.69 -2.01 -0.24
CA GLY A 197 -35.83 -1.92 -1.12
C GLY A 197 -36.54 -0.57 -1.03
N TYR A 198 -37.28 -0.22 -2.06
CA TYR A 198 -38.14 0.95 -2.02
C TYR A 198 -39.40 0.63 -1.21
N GLY A 199 -39.74 1.51 -0.26
CA GLY A 199 -41.05 1.43 0.38
C GLY A 199 -41.10 1.82 1.86
N ALA A 200 -42.27 1.58 2.45
CA ALA A 200 -42.54 1.92 3.85
C ALA A 200 -41.62 1.13 4.73
N GLY A 201 -40.90 1.82 5.61
CA GLY A 201 -39.94 1.18 6.51
C GLY A 201 -38.65 0.78 5.85
N GLN A 202 -38.42 1.19 4.60
CA GLN A 202 -37.19 0.88 3.86
C GLN A 202 -36.73 2.20 3.22
N ASN A 203 -36.19 2.16 1.98
CA ASN A 203 -35.74 3.38 1.32
C ASN A 203 -36.87 4.20 0.71
N PRO A 204 -36.75 5.52 0.71
CA PRO A 204 -35.73 6.26 1.44
C PRO A 204 -36.06 6.29 2.95
N VAL A 205 -35.02 6.40 3.76
CA VAL A 205 -35.15 6.37 5.23
C VAL A 205 -35.40 7.74 5.86
N ILE A 206 -34.96 8.81 5.18
CA ILE A 206 -35.29 10.17 5.59
C ILE A 206 -35.86 10.91 4.39
N TYR A 207 -37.10 11.37 4.53
CA TYR A 207 -37.82 12.04 3.45
C TYR A 207 -38.59 13.28 3.87
N GLU A 208 -39.06 13.34 5.12
CA GLU A 208 -39.78 14.53 5.59
C GLU A 208 -38.82 15.68 5.82
N TRP A 209 -39.19 16.84 5.28
CA TRP A 209 -38.47 18.07 5.57
C TRP A 209 -38.66 18.47 7.04
N PRO A 210 -37.57 18.73 7.77
CA PRO A 210 -37.72 19.13 9.17
C PRO A 210 -38.28 20.52 9.37
N GLU A 211 -38.18 21.40 8.38
CA GLU A 211 -38.77 22.74 8.45
C GLU A 211 -39.29 23.02 7.04
N THR A 212 -40.17 24.00 6.90
CA THR A 212 -40.75 24.31 5.58
C THR A 212 -39.83 25.18 4.74
N ASN A 213 -40.07 25.22 3.43
CA ASN A 213 -39.39 26.13 2.49
C ASN A 213 -37.86 26.00 2.49
N LEU A 214 -37.39 24.77 2.45
CA LEU A 214 -35.96 24.51 2.39
C LEU A 214 -35.37 24.94 1.07
N THR A 215 -34.17 25.49 1.14
CA THR A 215 -33.36 25.76 -0.02
C THR A 215 -32.65 24.48 -0.48
N GLY A 216 -32.47 23.51 0.41
CA GLY A 216 -31.77 22.26 0.09
C GLY A 216 -31.92 21.28 1.22
N PHE A 217 -31.66 20.00 0.93
CA PHE A 217 -31.85 18.92 1.90
C PHE A 217 -31.02 17.71 1.47
N ARG A 218 -29.71 17.82 1.67
CA ARG A 218 -28.78 16.82 1.12
C ARG A 218 -27.47 16.70 1.85
N ASP A 219 -26.69 15.71 1.39
CA ASP A 219 -25.31 15.48 1.80
C ASP A 219 -25.25 15.02 3.26
N PRO A 220 -25.90 13.88 3.56
CA PRO A 220 -25.89 13.39 4.92
C PRO A 220 -24.50 12.97 5.36
N TYR A 221 -24.09 13.49 6.51
CA TYR A 221 -22.81 13.20 7.09
C TYR A 221 -23.02 12.44 8.40
N VAL A 222 -22.67 11.16 8.38
CA VAL A 222 -22.88 10.28 9.52
C VAL A 222 -21.59 10.19 10.34
N PHE A 223 -21.72 10.29 11.66
CA PHE A 223 -20.56 10.30 12.54
C PHE A 223 -20.94 9.83 13.96
N GLN A 224 -19.98 9.23 14.63
CA GLN A 224 -20.08 8.93 16.06
C GLN A 224 -19.49 10.09 16.82
N SER A 225 -19.98 10.32 18.03
CA SER A 225 -19.54 11.45 18.85
C SER A 225 -19.82 11.18 20.32
N PRO A 226 -18.83 10.64 21.04
CA PRO A 226 -18.88 10.62 22.53
C PRO A 226 -19.21 11.99 23.14
N ARG A 227 -18.70 13.05 22.52
CA ARG A 227 -19.01 14.43 22.93
C ARG A 227 -20.51 14.72 22.89
N LEU A 228 -21.15 14.52 21.74
CA LEU A 228 -22.58 14.78 21.64
C LEU A 228 -23.41 13.81 22.47
N GLU A 229 -23.01 12.54 22.57
CA GLU A 229 -23.70 11.57 23.44
C GLU A 229 -23.71 12.04 24.91
N ALA A 230 -22.56 12.50 25.40
CA ALA A 230 -22.44 13.00 26.77
C ALA A 230 -23.36 14.20 26.99
N LEU A 231 -23.35 15.14 26.06
CA LEU A 231 -24.17 16.33 26.16
C LEU A 231 -25.66 16.04 26.14
N LEU A 232 -26.09 15.01 25.42
CA LEU A 232 -27.52 14.73 25.28
C LEU A 232 -28.05 13.67 26.25
N ALA A 233 -27.16 13.01 26.99
CA ALA A 233 -27.54 11.90 27.87
C ALA A 233 -28.66 12.24 28.86
N ASN A 234 -28.72 13.48 29.34
CA ASN A 234 -29.80 13.90 30.24
C ASN A 234 -31.13 14.25 29.58
N THR A 235 -31.18 14.24 28.24
CA THR A 235 -32.38 14.63 27.49
C THR A 235 -33.00 13.50 26.66
N THR A 236 -32.48 12.28 26.75
CA THR A 236 -32.94 11.20 25.86
C THR A 236 -34.37 10.72 26.16
N SER A 237 -34.89 11.01 27.35
CA SER A 237 -36.33 10.82 27.63
C SER A 237 -37.22 11.73 26.80
N ILE A 238 -36.72 12.89 26.41
CA ILE A 238 -37.53 13.84 25.65
C ILE A 238 -37.72 13.37 24.19
N THR A 239 -36.64 12.87 23.58
CA THR A 239 -36.64 12.52 22.15
C THR A 239 -36.73 11.03 21.89
N ASN A 240 -36.35 10.21 22.87
CA ASN A 240 -36.17 8.76 22.73
C ASN A 240 -35.05 8.28 21.81
N ALA A 241 -34.22 9.20 21.32
CA ALA A 241 -33.12 8.85 20.42
C ALA A 241 -31.86 8.55 21.23
N THR A 242 -31.42 7.30 21.19
CA THR A 242 -30.31 6.83 22.01
C THR A 242 -29.22 6.14 21.22
N GLY A 243 -29.26 6.23 19.88
CA GLY A 243 -28.25 5.60 19.02
C GLY A 243 -26.87 6.22 19.15
N ASP A 244 -25.86 5.47 18.72
CA ASP A 244 -24.48 5.92 18.74
C ASP A 244 -24.00 6.61 17.44
N HIS A 245 -24.89 6.80 16.46
CA HIS A 245 -24.58 7.58 15.24
C HIS A 245 -25.45 8.81 15.16
N PHE A 246 -24.82 9.91 14.77
CA PHE A 246 -25.51 11.14 14.42
C PHE A 246 -25.40 11.36 12.91
N ALA A 247 -26.27 12.20 12.37
CA ALA A 247 -26.18 12.58 10.97
C ALA A 247 -26.60 14.02 10.82
N THR A 248 -25.79 14.83 10.12
CA THR A 248 -26.23 16.14 9.68
C THR A 248 -26.74 16.08 8.24
N ILE A 249 -27.72 16.93 7.93
CA ILE A 249 -28.16 17.16 6.55
C ILE A 249 -28.04 18.65 6.28
N SER A 250 -27.43 19.00 5.14
CA SER A 250 -27.10 20.37 4.77
C SER A 250 -28.24 21.02 3.99
N GLY A 251 -28.54 22.25 4.34
CA GLY A 251 -29.58 22.98 3.65
C GLY A 251 -29.67 24.43 4.08
N GLY A 252 -30.92 24.90 4.20
CA GLY A 252 -31.21 26.29 4.52
C GLY A 252 -32.69 26.53 4.36
N VAL A 253 -33.11 27.77 4.58
CA VAL A 253 -34.51 28.18 4.50
C VAL A 253 -34.60 29.41 3.63
N HIS A 254 -35.55 29.40 2.70
CA HIS A 254 -35.68 30.46 1.70
C HIS A 254 -35.79 31.82 2.40
N GLY A 255 -34.97 32.75 1.96
CA GLY A 255 -34.95 34.09 2.51
C GLY A 255 -34.27 34.27 3.85
N ASP A 256 -33.86 33.18 4.52
CA ASP A 256 -33.44 33.26 5.91
C ASP A 256 -32.14 32.50 6.25
N GLY A 257 -31.30 32.27 5.25
CA GLY A 257 -29.97 31.72 5.46
C GLY A 257 -29.89 30.20 5.54
N ALA A 258 -28.66 29.73 5.71
CA ALA A 258 -28.32 28.32 5.71
C ALA A 258 -28.62 27.65 7.05
N ARG A 259 -28.76 26.32 7.00
CA ARG A 259 -29.04 25.48 8.16
C ARG A 259 -28.30 24.16 8.00
N LEU A 260 -27.75 23.68 9.11
CA LEU A 260 -27.26 22.32 9.18
C LEU A 260 -28.15 21.61 10.18
N PHE A 261 -28.89 20.60 9.73
CA PHE A 261 -29.89 19.91 10.55
C PHE A 261 -29.27 18.68 11.18
N LEU A 262 -29.50 18.47 12.48
CA LEU A 262 -28.92 17.33 13.20
C LEU A 262 -29.98 16.27 13.46
N TYR A 263 -29.62 15.03 13.14
CA TYR A 263 -30.42 13.86 13.40
C TYR A 263 -29.62 12.94 14.27
N ARG A 264 -30.32 12.11 15.02
CA ARG A 264 -29.67 11.05 15.78
C ARG A 264 -30.34 9.75 15.46
N GLN A 265 -29.53 8.73 15.22
CA GLN A 265 -29.97 7.36 15.09
C GLN A 265 -30.84 7.01 16.29
N HIS A 266 -32.04 6.51 16.05
CA HIS A 266 -33.00 6.33 17.13
C HIS A 266 -32.59 5.22 18.10
N THR A 267 -32.10 4.11 17.57
CA THR A 267 -31.69 2.97 18.37
C THR A 267 -30.40 2.38 17.84
N THR A 268 -29.46 2.13 18.73
CA THR A 268 -28.18 1.52 18.37
C THR A 268 -28.43 0.21 17.65
N GLY A 269 -27.67 -0.03 16.59
CA GLY A 269 -27.76 -1.27 15.81
C GLY A 269 -28.90 -1.31 14.82
N GLU A 270 -29.67 -0.24 14.70
CA GLU A 270 -30.79 -0.17 13.79
C GLU A 270 -30.67 1.10 12.95
N PHE A 271 -30.87 0.98 11.64
CA PHE A 271 -30.47 2.05 10.70
C PHE A 271 -31.57 2.68 9.88
N ILE A 272 -32.82 2.26 10.11
CA ILE A 272 -33.94 2.83 9.38
C ILE A 272 -34.42 4.14 10.01
N LYS A 273 -34.50 4.17 11.33
CA LYS A 273 -35.13 5.30 12.04
C LYS A 273 -34.08 6.31 12.54
N TRP A 274 -34.18 7.54 12.01
CA TRP A 274 -33.32 8.64 12.38
C TRP A 274 -34.24 9.75 12.89
N THR A 275 -33.94 10.27 14.06
CA THR A 275 -34.80 11.26 14.73
C THR A 275 -34.21 12.64 14.58
N TYR A 276 -34.98 13.55 13.99
CA TYR A 276 -34.57 14.94 13.88
C TYR A 276 -34.51 15.58 15.27
N LEU A 277 -33.35 16.13 15.65
CA LEU A 277 -33.23 16.83 16.93
C LEU A 277 -33.52 18.31 16.78
N GLY A 278 -32.83 18.96 15.86
CA GLY A 278 -32.98 20.40 15.62
C GLY A 278 -31.87 20.95 14.75
N PRO A 279 -31.92 22.24 14.42
CA PRO A 279 -30.82 22.87 13.68
C PRO A 279 -29.56 22.94 14.52
N LEU A 280 -28.45 22.48 13.95
CA LEU A 280 -27.16 22.49 14.63
C LEU A 280 -26.48 23.83 14.37
N VAL A 281 -26.43 24.25 13.11
CA VAL A 281 -25.84 25.52 12.73
C VAL A 281 -26.90 26.33 11.99
N THR A 282 -27.06 27.58 12.39
CA THR A 282 -28.01 28.52 11.80
C THR A 282 -27.25 29.80 11.54
N THR A 283 -27.17 30.20 10.28
CA THR A 283 -26.53 31.44 9.90
C THR A 283 -27.55 32.25 9.12
N GLY A 284 -27.23 33.53 8.91
CA GLY A 284 -28.15 34.49 8.29
C GLY A 284 -27.96 34.56 6.79
N TYR A 285 -28.99 35.08 6.11
CA TYR A 285 -28.98 35.26 4.66
C TYR A 285 -27.81 36.12 4.20
N LYS A 286 -26.85 35.50 3.53
CA LYS A 286 -25.60 36.14 3.10
C LYS A 286 -24.82 36.87 4.21
N GLU A 287 -24.96 36.39 5.44
CA GLU A 287 -24.17 36.85 6.58
C GLU A 287 -22.68 36.53 6.35
N SER A 288 -21.80 37.45 6.75
CA SER A 288 -20.36 37.22 6.71
C SER A 288 -19.80 37.53 8.08
N TYR A 289 -18.89 36.67 8.56
CA TYR A 289 -18.19 36.92 9.82
C TYR A 289 -16.99 37.84 9.60
N GLY A 290 -16.63 38.13 8.34
CA GLY A 290 -15.60 39.10 8.03
C GLY A 290 -14.68 38.65 6.93
N GLU A 291 -13.63 39.45 6.74
CA GLU A 291 -12.65 39.30 5.65
C GLU A 291 -11.87 37.98 5.67
N TRP A 292 -11.76 37.37 6.85
CA TRP A 292 -11.02 36.12 7.03
C TRP A 292 -11.92 34.88 6.96
N SER A 293 -13.21 35.07 6.64
CA SER A 293 -14.22 34.05 6.91
C SER A 293 -15.19 33.76 5.76
N GLY A 294 -14.91 34.27 4.57
CA GLY A 294 -15.83 34.15 3.44
C GLY A 294 -17.21 34.69 3.76
N ASN A 295 -18.24 33.98 3.31
CA ASN A 295 -19.62 34.40 3.44
C ASN A 295 -20.49 33.15 3.56
N TYR A 296 -21.46 33.19 4.46
CA TYR A 296 -22.30 32.03 4.74
C TYR A 296 -23.43 31.79 3.71
N GLY A 297 -23.55 32.65 2.70
CA GLY A 297 -24.48 32.43 1.60
C GLY A 297 -25.91 32.18 2.02
N ILE A 298 -26.60 31.34 1.25
CA ILE A 298 -28.03 31.05 1.46
C ILE A 298 -28.35 29.59 1.77
N ASN A 299 -27.36 28.71 1.63
CA ASN A 299 -27.57 27.28 1.68
C ASN A 299 -26.23 26.59 1.90
N PHE A 300 -26.21 25.58 2.78
CA PHE A 300 -25.02 24.77 3.03
C PHE A 300 -25.01 23.55 2.14
N GLU A 301 -23.81 23.11 1.80
CA GLU A 301 -23.60 21.85 1.11
C GLU A 301 -22.41 21.12 1.72
N THR A 302 -22.44 19.80 1.60
CA THR A 302 -21.37 18.89 2.01
C THR A 302 -20.81 19.20 3.40
N ALA A 303 -21.68 19.51 4.35
CA ALA A 303 -21.22 19.83 5.70
C ALA A 303 -20.86 18.58 6.49
N GLY A 304 -19.82 18.70 7.30
CA GLY A 304 -19.38 17.65 8.21
C GLY A 304 -19.10 18.22 9.60
N VAL A 305 -19.00 17.30 10.56
CA VAL A 305 -18.78 17.60 11.97
C VAL A 305 -17.62 16.74 12.44
N THR A 306 -16.65 17.37 13.10
CA THR A 306 -15.53 16.65 13.67
C THR A 306 -15.10 17.26 15.00
N ARG A 307 -14.14 16.61 15.64
CA ARG A 307 -13.56 17.08 16.90
C ARG A 307 -12.08 16.75 16.85
N LEU A 308 -11.26 17.76 17.09
CA LEU A 308 -9.84 17.67 16.87
C LEU A 308 -9.09 18.14 18.11
N ASN A 309 -7.84 17.74 18.21
CA ASN A 309 -6.91 18.28 19.22
C ASN A 309 -5.59 18.52 18.52
N PRO A 310 -4.55 18.98 19.23
CA PRO A 310 -3.33 19.28 18.50
C PRO A 310 -2.70 18.13 17.71
N ALA A 311 -2.93 16.88 18.11
CA ALA A 311 -2.38 15.73 17.41
C ALA A 311 -3.20 15.24 16.20
N GLY A 312 -4.48 15.60 16.13
CA GLY A 312 -5.35 15.06 15.08
C GLY A 312 -6.78 14.96 15.55
N ALA A 313 -7.39 13.80 15.36
CA ALA A 313 -8.78 13.57 15.76
C ALA A 313 -8.86 13.31 17.26
N ALA A 314 -9.92 13.82 17.88
CA ALA A 314 -10.16 13.67 19.31
C ALA A 314 -11.47 12.93 19.52
N TRP A 315 -11.43 11.84 20.28
CA TRP A 315 -12.62 11.02 20.53
C TRP A 315 -13.09 11.03 21.99
N ASP A 316 -12.72 12.07 22.74
CA ASP A 316 -13.13 12.23 24.12
C ASP A 316 -14.55 12.76 24.22
N ASN A 317 -15.12 12.68 25.43
CA ASN A 317 -16.50 13.12 25.70
C ASN A 317 -16.66 14.60 26.09
N GLY A 318 -15.58 15.37 25.99
CA GLY A 318 -15.54 16.73 26.54
C GLY A 318 -14.37 16.92 27.50
N SER A 319 -13.86 15.83 28.07
CA SER A 319 -12.79 15.88 29.08
C SER A 319 -11.44 16.41 28.60
N ASP A 320 -11.14 16.30 27.30
CA ASP A 320 -9.87 16.82 26.78
C ASP A 320 -10.03 18.32 26.56
N THR A 321 -9.34 19.10 27.40
CA THR A 321 -9.42 20.57 27.34
C THR A 321 -8.65 21.13 26.14
N THR A 322 -7.80 20.34 25.50
CA THR A 322 -7.11 20.78 24.27
C THR A 322 -7.96 20.56 22.99
N ALA A 323 -9.09 19.87 23.10
CA ALA A 323 -9.89 19.51 21.93
C ALA A 323 -10.87 20.61 21.58
N VAL A 324 -11.18 20.74 20.29
CA VAL A 324 -12.07 21.77 19.78
C VAL A 324 -13.06 21.11 18.81
N ASP A 325 -14.32 21.49 18.90
CA ASP A 325 -15.36 21.02 17.98
C ASP A 325 -15.38 21.89 16.74
N PHE A 326 -15.43 21.23 15.57
CA PHE A 326 -15.41 21.94 14.28
C PHE A 326 -16.53 21.45 13.37
N VAL A 327 -17.05 22.38 12.57
CA VAL A 327 -17.94 22.07 11.47
C VAL A 327 -17.23 22.55 10.20
N THR A 328 -17.25 21.73 9.16
CA THR A 328 -16.79 22.13 7.83
C THR A 328 -18.01 22.13 6.92
N PHE A 329 -18.07 23.08 5.99
CA PHE A 329 -19.27 23.25 5.16
C PHE A 329 -18.98 24.13 3.97
N GLY A 330 -19.64 23.82 2.86
CA GLY A 330 -19.68 24.70 1.70
C GLY A 330 -20.88 25.61 1.81
N THR A 331 -20.76 26.82 1.28
CA THR A 331 -21.90 27.73 1.17
C THR A 331 -22.04 28.16 -0.27
N GLU A 332 -23.27 28.45 -0.68
CA GLU A 332 -23.52 28.95 -2.02
C GLU A 332 -24.27 30.28 -2.05
N GLN A 333 -24.04 31.01 -3.14
CA GLN A 333 -24.64 32.31 -3.43
C GLN A 333 -24.20 33.44 -2.49
N GLY A 334 -23.05 33.28 -1.84
CA GLY A 334 -22.45 34.34 -1.03
C GLY A 334 -21.12 34.81 -1.62
N ARG A 335 -20.91 34.58 -2.91
CA ARG A 335 -19.64 34.88 -3.55
C ARG A 335 -19.89 35.24 -5.01
N ALA A 336 -19.20 36.25 -5.50
CA ALA A 336 -19.42 36.78 -6.85
C ALA A 336 -18.77 35.93 -7.92
N ASP A 337 -17.79 35.12 -7.55
CA ASP A 337 -17.02 34.31 -8.50
C ASP A 337 -16.77 32.94 -7.85
N HIS A 338 -15.86 32.13 -8.40
CA HIS A 338 -15.59 30.78 -7.89
C HIS A 338 -16.89 29.97 -7.79
N GLN A 339 -17.67 30.05 -8.85
CA GLN A 339 -18.94 29.34 -8.98
C GLN A 339 -19.89 29.60 -7.81
N ASN A 340 -19.80 30.81 -7.27
CA ASN A 340 -20.59 31.26 -6.11
C ASN A 340 -20.40 30.44 -4.82
N HIS A 341 -19.23 29.80 -4.68
CA HIS A 341 -19.00 28.77 -3.66
C HIS A 341 -17.84 29.04 -2.71
N TRP A 342 -18.09 28.98 -1.40
CA TRP A 342 -17.05 29.09 -0.38
C TRP A 342 -16.96 27.76 0.36
N PRO A 343 -15.76 27.12 0.42
CA PRO A 343 -15.56 26.03 1.36
C PRO A 343 -15.01 26.54 2.69
N LEU A 344 -15.83 26.46 3.73
CA LEU A 344 -15.57 27.11 5.01
C LEU A 344 -15.43 26.10 6.13
N TRP A 345 -15.01 26.61 7.29
CA TRP A 345 -15.02 25.86 8.53
C TRP A 345 -15.26 26.80 9.70
N ALA A 346 -15.75 26.26 10.80
CA ALA A 346 -16.00 27.02 12.00
C ALA A 346 -15.72 26.18 13.22
N ALA A 347 -15.07 26.79 14.21
CA ALA A 347 -14.93 26.21 15.54
C ALA A 347 -16.22 26.56 16.27
N VAL A 348 -16.80 25.61 16.99
CA VAL A 348 -18.11 25.81 17.61
C VAL A 348 -18.11 25.38 19.07
N ASP A 349 -19.01 25.99 19.84
CA ASP A 349 -19.28 25.58 21.21
C ASP A 349 -20.70 25.05 21.30
N TYR A 350 -20.85 23.79 21.71
CA TYR A 350 -22.16 23.17 21.75
C TYR A 350 -22.94 23.59 23.00
N GLU A 351 -24.21 23.96 22.83
CA GLU A 351 -25.17 24.20 23.90
C GLU A 351 -26.34 23.25 23.73
N VAL A 352 -26.85 22.70 24.84
CA VAL A 352 -27.99 21.79 24.82
C VAL A 352 -29.27 22.58 24.98
N ARG A 353 -30.19 22.43 24.03
CA ARG A 353 -31.51 23.05 24.13
C ARG A 353 -32.43 22.23 25.02
N ASP A 354 -33.51 22.88 25.50
CA ASP A 354 -34.51 22.22 26.35
C ASP A 354 -35.24 21.06 25.69
N ASN A 355 -35.43 21.13 24.38
CA ASN A 355 -36.07 20.01 23.66
C ASN A 355 -35.14 18.83 23.31
N GLY A 356 -33.91 18.82 23.82
CA GLY A 356 -33.01 17.69 23.63
C GLY A 356 -32.28 17.73 22.30
N SER A 357 -31.95 18.96 21.85
CA SER A 357 -31.20 19.18 20.62
C SER A 357 -29.95 20.00 20.96
N ILE A 358 -29.12 20.27 19.95
CA ILE A 358 -27.83 20.94 20.14
C ILE A 358 -27.77 22.17 19.27
N GLU A 359 -27.37 23.29 19.85
CA GLU A 359 -26.99 24.47 19.08
C GLU A 359 -25.48 24.57 19.07
N ALA A 360 -24.90 24.61 17.88
CA ALA A 360 -23.48 24.85 17.71
C ALA A 360 -23.27 26.34 17.48
N VAL A 361 -22.74 27.00 18.50
CA VAL A 361 -22.50 28.44 18.44
C VAL A 361 -21.13 28.67 17.87
N ILE A 362 -21.04 29.45 16.80
CA ILE A 362 -19.76 29.68 16.14
C ILE A 362 -18.85 30.57 17.01
N ALA A 363 -17.66 30.05 17.34
CA ALA A 363 -16.67 30.75 18.17
C ALA A 363 -15.69 31.53 17.31
N TYR A 364 -15.27 30.93 16.20
CA TYR A 364 -14.51 31.62 15.17
C TYR A 364 -14.68 30.83 13.87
N SER A 365 -14.37 31.46 12.74
CA SER A 365 -14.82 30.94 11.45
C SER A 365 -13.81 31.27 10.39
N GLY A 366 -13.43 30.25 9.61
CA GLY A 366 -12.41 30.40 8.58
C GLY A 366 -12.77 29.77 7.24
N VAL A 367 -11.74 29.66 6.40
CA VAL A 367 -11.84 29.19 5.03
C VAL A 367 -10.94 27.97 4.89
N GLN A 368 -11.48 26.89 4.32
CA GLN A 368 -10.72 25.65 4.16
C GLN A 368 -9.77 25.71 2.97
N ASP A 369 -10.19 26.40 1.92
CA ASP A 369 -9.36 26.63 0.73
C ASP A 369 -9.89 27.88 0.03
N TRP A 370 -8.99 28.76 -0.40
CA TRP A 370 -9.35 30.07 -0.95
C TRP A 370 -9.51 30.10 -2.47
N GLY A 371 -9.22 28.99 -3.14
CA GLY A 371 -9.26 28.94 -4.59
C GLY A 371 -10.40 28.15 -5.18
N ARG A 372 -10.14 27.56 -6.35
CA ARG A 372 -11.14 26.84 -7.13
C ARG A 372 -11.34 25.41 -6.62
N SER A 373 -11.75 25.28 -5.36
CA SER A 373 -12.08 23.99 -4.77
C SER A 373 -13.29 24.12 -3.90
N TYR A 374 -13.95 22.99 -3.68
CA TYR A 374 -15.22 22.92 -2.98
C TYR A 374 -15.51 21.48 -2.60
N ALA A 375 -16.56 21.27 -1.80
CA ALA A 375 -17.09 19.96 -1.51
C ALA A 375 -16.09 19.14 -0.72
N TYR A 376 -15.52 19.74 0.32
CA TYR A 376 -14.62 19.04 1.23
C TYR A 376 -15.38 18.01 2.08
N ALA A 377 -14.84 16.79 2.11
CA ALA A 377 -15.32 15.73 2.97
C ALA A 377 -14.19 15.33 3.93
N SER A 378 -14.52 14.97 5.17
CA SER A 378 -13.54 14.47 6.10
C SER A 378 -14.00 13.14 6.67
N PHE A 379 -13.03 12.32 7.05
CA PHE A 379 -13.31 10.98 7.54
C PHE A 379 -12.23 10.52 8.52
N PRO A 380 -12.59 9.64 9.44
CA PRO A 380 -11.62 9.18 10.42
C PRO A 380 -10.67 8.15 9.85
N VAL A 381 -9.42 8.22 10.29
CA VAL A 381 -8.37 7.29 9.88
C VAL A 381 -7.63 6.82 11.14
N GLU A 382 -7.26 5.55 11.14
CA GLU A 382 -6.55 4.89 12.24
C GLU A 382 -5.38 5.73 12.74
N GLY A 383 -5.16 5.73 14.05
CA GLY A 383 -4.09 6.53 14.68
C GLY A 383 -4.53 7.94 15.04
N TYR A 384 -5.82 8.10 15.34
CA TYR A 384 -6.38 9.35 15.77
C TYR A 384 -6.19 10.47 14.74
N ARG A 385 -6.57 10.18 13.50
CA ARG A 385 -6.51 11.14 12.43
C ARG A 385 -7.90 11.45 11.88
N GLN A 386 -8.06 12.68 11.40
CA GLN A 386 -9.21 13.07 10.59
C GLN A 386 -8.64 13.64 9.31
N VAL A 387 -9.03 13.03 8.18
CA VAL A 387 -8.45 13.37 6.88
C VAL A 387 -9.51 14.00 6.01
N SER A 388 -9.15 15.09 5.34
CA SER A 388 -10.06 15.90 4.55
C SER A 388 -9.56 15.97 3.11
N VAL A 389 -10.49 15.93 2.17
CA VAL A 389 -10.17 16.02 0.75
C VAL A 389 -11.35 16.71 0.05
N GLY A 390 -11.03 17.49 -0.97
CA GLY A 390 -12.04 18.23 -1.72
C GLY A 390 -11.90 18.02 -3.21
N TRP A 391 -12.69 18.81 -3.95
CA TRP A 391 -12.75 18.75 -5.41
C TRP A 391 -12.22 20.06 -5.98
N ILE A 392 -11.27 19.96 -6.90
CA ILE A 392 -10.77 21.10 -7.65
C ILE A 392 -11.46 21.11 -9.02
N TYR A 393 -12.28 22.12 -9.26
CA TYR A 393 -12.92 22.26 -10.58
C TYR A 393 -11.94 22.90 -11.58
N GLU A 394 -12.27 22.83 -12.87
CA GLU A 394 -11.45 23.44 -13.91
C GLU A 394 -11.67 24.97 -13.90
N ASP A 395 -10.93 25.69 -14.74
CA ASP A 395 -11.20 27.13 -14.94
C ASP A 395 -11.58 27.38 -16.39
N ASP A 396 -12.70 26.76 -16.77
CA ASP A 396 -13.25 26.83 -18.12
C ASP A 396 -14.76 26.89 -17.97
N ASP A 397 -15.24 27.89 -17.26
CA ASP A 397 -16.66 27.96 -16.88
C ASP A 397 -17.63 28.13 -18.05
N ASN A 398 -17.15 28.61 -19.20
CA ASN A 398 -17.96 28.66 -20.42
C ASN A 398 -17.90 27.39 -21.26
N VAL A 399 -17.19 26.36 -20.81
CA VAL A 399 -17.19 25.04 -21.42
C VAL A 399 -16.69 25.11 -22.85
N ILE A 400 -15.60 25.87 -23.05
CA ILE A 400 -15.03 26.11 -24.36
C ILE A 400 -14.15 24.95 -24.83
N LEU A 401 -13.34 24.38 -23.93
CA LEU A 401 -12.43 23.28 -24.30
C LEU A 401 -12.69 21.95 -23.54
N ALA A 402 -13.81 21.86 -22.86
CA ALA A 402 -14.13 20.67 -22.05
C ALA A 402 -14.16 19.39 -22.87
N LYS A 403 -14.83 19.43 -24.02
CA LYS A 403 -14.88 18.25 -24.89
C LYS A 403 -13.51 17.85 -25.42
N GLN A 404 -12.69 18.86 -25.71
CA GLN A 404 -11.33 18.62 -26.16
C GLN A 404 -10.49 17.98 -25.05
N PHE A 405 -10.67 18.42 -23.81
CA PHE A 405 -10.06 17.71 -22.65
C PHE A 405 -10.52 16.25 -22.61
N GLY A 406 -11.84 16.03 -22.69
CA GLY A 406 -12.42 14.71 -22.47
C GLY A 406 -12.61 14.33 -21.01
N TYR A 407 -12.46 15.30 -20.12
CA TYR A 407 -12.65 15.13 -18.67
C TYR A 407 -12.78 16.50 -18.03
N GLN A 408 -13.33 16.53 -16.82
CA GLN A 408 -13.37 17.73 -15.98
C GLN A 408 -13.19 17.31 -14.52
N GLY A 409 -12.28 17.97 -13.81
CA GLY A 409 -12.17 17.88 -12.36
C GLY A 409 -11.07 16.96 -11.86
N ALA A 410 -10.64 17.24 -10.64
CA ALA A 410 -9.76 16.35 -9.87
C ALA A 410 -10.02 16.55 -8.39
N PHE A 411 -9.38 15.74 -7.55
CA PHE A 411 -9.38 16.00 -6.10
C PHE A 411 -8.26 17.00 -5.74
N THR A 412 -8.37 17.56 -4.54
CA THR A 412 -7.23 18.13 -3.85
C THR A 412 -6.34 17.01 -3.37
N LEU A 413 -5.24 17.35 -2.71
CA LEU A 413 -4.50 16.36 -1.95
C LEU A 413 -5.28 16.05 -0.68
N PHE A 414 -4.98 14.90 -0.08
CA PHE A 414 -5.58 14.49 1.17
C PHE A 414 -4.86 15.21 2.31
N ARG A 415 -5.62 15.76 3.25
CA ARG A 415 -5.06 16.64 4.27
C ARG A 415 -5.40 16.13 5.66
N ASP A 416 -4.39 16.01 6.52
CA ASP A 416 -4.64 15.79 7.95
C ASP A 416 -5.14 17.09 8.56
N LEU A 417 -6.26 16.99 9.29
CA LEU A 417 -6.76 18.07 10.11
C LEU A 417 -6.30 17.90 11.57
N PHE A 418 -6.05 19.02 12.22
CA PHE A 418 -5.61 19.06 13.62
C PHE A 418 -5.83 20.48 14.16
N VAL A 419 -5.71 20.64 15.47
CA VAL A 419 -5.76 21.97 16.08
C VAL A 419 -4.36 22.56 16.01
N LYS A 420 -4.18 23.62 15.21
CA LYS A 420 -2.91 24.31 15.15
C LYS A 420 -2.80 25.25 16.35
N VAL A 421 -1.75 25.06 17.14
CA VAL A 421 -1.46 25.89 18.32
C VAL A 421 -0.12 26.61 18.10
N VAL A 422 -0.13 27.93 18.20
CA VAL A 422 1.10 28.73 18.10
C VAL A 422 1.33 29.37 19.47
N GLU A 423 2.46 29.04 20.08
CA GLU A 423 2.77 29.56 21.41
C GLU A 423 3.65 30.77 21.32
N ASN A 424 3.65 31.56 22.40
CA ASN A 424 4.52 32.72 22.55
C ASN A 424 4.36 33.75 21.45
N VAL A 425 3.11 34.02 21.09
CA VAL A 425 2.82 35.00 20.07
C VAL A 425 2.89 36.39 20.71
N SER A 426 3.54 37.31 20.01
CA SER A 426 3.63 38.71 20.42
C SER A 426 2.26 39.37 20.35
N PRO A 427 1.84 40.04 21.45
CA PRO A 427 0.64 40.89 21.44
C PRO A 427 0.63 42.01 20.41
N SER A 428 1.80 42.40 19.89
CA SER A 428 1.86 43.45 18.86
C SER A 428 1.68 42.91 17.42
N THR A 429 1.40 41.61 17.27
CA THR A 429 1.02 41.08 15.94
C THR A 429 -0.20 41.87 15.42
N PRO A 430 -0.08 42.52 14.25
CA PRO A 430 -1.22 43.34 13.78
C PRO A 430 -2.50 42.54 13.64
N GLY A 431 -3.61 43.11 14.11
CA GLY A 431 -4.93 42.50 13.98
C GLY A 431 -5.18 41.26 14.79
N LEU A 432 -4.31 40.95 15.75
CA LEU A 432 -4.37 39.68 16.45
C LEU A 432 -5.65 39.48 17.24
N PHE A 433 -6.18 40.56 17.83
CA PHE A 433 -7.33 40.45 18.73
C PHE A 433 -8.66 40.58 18.05
N GLU A 434 -8.66 40.72 16.73
CA GLU A 434 -9.87 40.47 15.97
C GLU A 434 -10.37 39.03 16.24
N GLN A 435 -9.47 38.07 16.51
CA GLN A 435 -9.85 36.65 16.70
C GLN A 435 -10.85 36.19 15.58
N ALA A 436 -10.53 36.54 14.34
CA ALA A 436 -11.43 36.26 13.18
C ALA A 436 -11.53 34.76 12.87
N SER A 437 -10.47 34.11 12.36
CA SER A 437 -10.44 32.66 12.13
C SER A 437 -9.49 31.94 13.11
N TRP A 438 -9.36 32.49 14.31
CA TRP A 438 -8.52 31.92 15.37
C TRP A 438 -8.99 32.44 16.70
N SER A 439 -8.53 31.80 17.76
CA SER A 439 -8.74 32.23 19.11
C SER A 439 -7.43 32.64 19.75
N THR A 440 -7.50 33.54 20.75
CA THR A 440 -6.34 33.98 21.53
C THR A 440 -6.59 33.74 23.00
N LYS A 441 -5.56 33.26 23.69
CA LYS A 441 -5.57 33.11 25.14
C LYS A 441 -4.33 33.83 25.67
N ASN A 442 -4.52 34.90 26.42
CA ASN A 442 -3.41 35.62 27.04
C ASN A 442 -2.71 34.80 28.12
N SER A 443 -1.39 34.96 28.23
CA SER A 443 -0.66 34.47 29.41
C SER A 443 -1.10 35.26 30.66
N THR A 444 -0.89 34.68 31.83
CA THR A 444 -1.20 35.37 33.10
C THR A 444 -0.63 36.79 33.17
N ASP A 445 0.62 36.95 32.75
CA ASP A 445 1.28 38.27 32.79
C ASP A 445 0.96 39.20 31.62
N GLY A 446 0.23 38.72 30.62
CA GLY A 446 -0.19 39.54 29.47
C GLY A 446 0.87 39.86 28.42
N MET A 447 2.07 39.28 28.55
CA MET A 447 3.19 39.57 27.64
C MET A 447 3.26 38.63 26.42
N SER A 448 2.48 37.55 26.45
CA SER A 448 2.39 36.62 25.31
C SER A 448 0.99 36.03 25.15
N VAL A 449 0.75 35.50 23.97
CA VAL A 449 -0.56 34.94 23.59
C VAL A 449 -0.37 33.54 23.01
N THR A 450 -1.30 32.65 23.34
CA THR A 450 -1.43 31.37 22.66
C THR A 450 -2.53 31.50 21.60
N VAL A 451 -2.20 31.23 20.34
CA VAL A 451 -3.15 31.25 19.23
C VAL A 451 -3.57 29.83 18.88
N THR A 452 -4.87 29.65 18.68
CA THR A 452 -5.46 28.37 18.28
C THR A 452 -6.28 28.58 17.00
N THR A 453 -6.08 27.70 16.02
CA THR A 453 -6.88 27.68 14.81
C THR A 453 -6.95 26.26 14.20
N LEU A 454 -7.64 26.13 13.08
CA LEU A 454 -7.66 24.85 12.35
C LEU A 454 -6.35 24.69 11.60
N GLY A 455 -5.67 23.57 11.82
CA GLY A 455 -4.50 23.21 11.02
C GLY A 455 -4.89 22.25 9.90
N GLN A 456 -4.19 22.38 8.77
CA GLN A 456 -4.29 21.49 7.64
C GLN A 456 -2.91 21.23 7.09
N ARG A 457 -2.57 19.98 6.87
CA ARG A 457 -1.31 19.64 6.21
C ARG A 457 -1.51 18.40 5.36
N VAL A 458 -0.75 18.32 4.27
CA VAL A 458 -0.84 17.19 3.36
C VAL A 458 -0.45 15.96 4.14
N VAL A 459 -1.21 14.87 3.97
CA VAL A 459 -0.91 13.62 4.66
C VAL A 459 0.55 13.20 4.41
N PRO A 460 1.23 12.74 5.47
CA PRO A 460 2.67 12.47 5.33
C PRO A 460 3.00 11.32 4.36
N GLU A 461 2.06 10.39 4.19
CA GLU A 461 2.26 9.31 3.22
C GLU A 461 2.51 9.89 1.81
N THR A 462 1.78 10.94 1.47
CA THR A 462 1.89 11.56 0.13
C THR A 462 3.19 12.36 0.04
N LEU A 463 3.53 13.12 1.08
CA LEU A 463 4.78 13.88 1.07
C LEU A 463 6.00 12.96 0.95
N ALA A 464 5.98 11.85 1.68
CA ALA A 464 7.09 10.88 1.61
C ALA A 464 7.19 10.23 0.24
N ALA A 465 6.05 9.79 -0.31
CA ALA A 465 6.04 9.16 -1.63
C ALA A 465 6.47 10.15 -2.71
N TYR A 466 5.94 11.37 -2.67
CA TYR A 466 6.33 12.42 -3.63
C TYR A 466 7.84 12.67 -3.62
N LYS A 467 8.39 12.92 -2.43
CA LYS A 467 9.80 13.22 -2.32
C LYS A 467 10.67 12.04 -2.76
N GLY A 468 10.32 10.84 -2.29
CA GLY A 468 11.13 9.66 -2.60
C GLY A 468 11.13 9.22 -4.05
N ASN A 469 10.04 9.49 -4.77
CA ASN A 469 9.96 9.19 -6.20
C ASN A 469 10.45 10.33 -7.09
N SER A 470 10.69 11.51 -6.53
CA SER A 470 11.15 12.67 -7.30
C SER A 470 12.68 12.74 -7.39
N THR A 471 13.17 13.47 -8.39
CA THR A 471 14.54 13.97 -8.37
C THR A 471 14.52 15.22 -7.49
N VAL A 472 15.17 15.14 -6.33
CA VAL A 472 15.14 16.20 -5.33
C VAL A 472 16.38 17.08 -5.48
N SER A 473 16.19 18.39 -5.59
CA SER A 473 17.28 19.35 -5.61
C SER A 473 17.12 20.23 -4.39
N THR A 474 18.08 20.13 -3.48
CA THR A 474 18.14 20.99 -2.29
C THR A 474 18.88 22.25 -2.71
N LEU A 475 18.22 23.40 -2.62
CA LEU A 475 18.76 24.64 -3.19
C LEU A 475 19.37 25.50 -2.12
N ALA A 476 20.42 26.23 -2.48
CA ALA A 476 21.10 27.14 -1.54
C ALA A 476 20.16 28.28 -1.14
N PRO A 477 20.24 28.76 0.11
CA PRO A 477 19.40 29.90 0.49
C PRO A 477 19.72 31.13 -0.33
N VAL A 478 18.73 32.02 -0.47
CA VAL A 478 18.84 33.20 -1.32
C VAL A 478 18.37 34.40 -0.52
N MET A 479 19.21 35.44 -0.44
CA MET A 479 18.83 36.73 0.13
C MET A 479 18.31 37.58 -1.02
N LEU A 480 17.06 38.01 -0.91
CA LEU A 480 16.47 38.91 -1.89
C LEU A 480 16.63 40.34 -1.36
N ASN A 481 17.45 41.13 -2.06
CA ASN A 481 17.79 42.51 -1.67
C ASN A 481 17.76 43.43 -2.91
N GLU A 482 18.51 44.54 -2.88
CA GLU A 482 18.59 45.45 -4.04
C GLU A 482 19.01 44.80 -5.36
N SER A 483 19.82 43.76 -5.28
CA SER A 483 20.30 43.06 -6.49
C SER A 483 19.31 42.04 -7.10
N ALA A 484 18.20 41.76 -6.41
CA ALA A 484 17.26 40.69 -6.85
C ALA A 484 16.53 41.10 -8.10
N ALA A 485 16.55 40.27 -9.12
CA ALA A 485 15.67 40.46 -10.27
C ALA A 485 14.20 40.23 -9.88
N ALA A 486 13.29 40.62 -10.78
CA ALA A 486 11.86 40.39 -10.52
C ALA A 486 11.63 38.89 -10.39
N TYR A 487 12.22 38.13 -11.30
CA TYR A 487 12.16 36.68 -11.34
C TYR A 487 13.57 36.09 -11.42
N THR A 488 13.88 35.16 -10.53
CA THR A 488 15.16 34.47 -10.48
C THR A 488 14.90 32.96 -10.57
N PRO A 489 15.14 32.35 -11.74
CA PRO A 489 15.00 30.90 -11.89
C PRO A 489 15.82 30.12 -10.87
N PHE A 490 15.29 29.00 -10.39
CA PHE A 490 16.06 28.13 -9.49
C PHE A 490 17.26 27.55 -10.22
N SER A 491 18.31 27.22 -9.46
CA SER A 491 19.53 26.65 -10.03
C SER A 491 19.30 25.27 -10.67
N SER A 492 18.30 24.53 -10.17
CA SER A 492 17.78 23.34 -10.86
C SER A 492 16.34 23.63 -11.28
N GLN A 493 15.97 23.12 -12.45
CA GLN A 493 14.66 23.37 -13.04
C GLN A 493 13.84 22.09 -13.15
N PRO A 494 12.49 22.22 -13.10
CA PRO A 494 11.66 21.05 -13.40
C PRO A 494 11.86 20.56 -14.82
N THR A 495 11.49 19.31 -15.08
CA THR A 495 11.54 18.73 -16.42
C THR A 495 10.15 18.53 -17.05
N ASP A 496 9.08 18.82 -16.31
CA ASP A 496 7.71 18.63 -16.79
C ASP A 496 6.77 19.39 -15.84
N ARG A 497 5.46 19.18 -15.95
CA ARG A 497 4.47 19.91 -15.14
C ARG A 497 4.06 19.21 -13.84
N PHE A 498 4.99 18.47 -13.23
CA PHE A 498 4.70 17.64 -12.06
C PHE A 498 5.83 17.84 -11.09
N TYR A 499 5.65 18.76 -10.16
CA TYR A 499 6.68 19.07 -9.20
C TYR A 499 6.16 19.76 -7.97
N ALA A 500 6.97 19.72 -6.91
CA ALA A 500 6.69 20.44 -5.68
C ALA A 500 7.83 21.39 -5.35
N LEU A 501 7.49 22.50 -4.71
CA LEU A 501 8.45 23.47 -4.24
C LEU A 501 8.20 23.69 -2.78
N THR A 502 9.26 23.91 -2.03
CA THR A 502 9.13 24.36 -0.66
C THR A 502 10.11 25.52 -0.38
N GLY A 503 9.72 26.43 0.51
CA GLY A 503 10.58 27.53 0.91
C GLY A 503 10.07 28.22 2.14
N SER A 504 11.00 28.79 2.92
CA SER A 504 10.68 29.66 4.08
C SER A 504 11.13 31.07 3.78
N PHE A 505 10.19 31.99 3.80
CA PHE A 505 10.43 33.38 3.46
C PHE A 505 10.45 34.16 4.75
N GLU A 506 11.61 34.72 5.09
CA GLU A 506 11.77 35.51 6.31
C GLU A 506 11.69 37.00 5.98
N PHE A 507 10.71 37.66 6.59
CA PHE A 507 10.42 39.07 6.34
C PHE A 507 10.70 39.88 7.60
N GLY A 508 11.14 41.13 7.42
CA GLY A 508 11.16 42.09 8.52
C GLY A 508 9.76 42.43 9.00
N LEU A 509 9.61 42.75 10.28
CA LEU A 509 8.31 43.05 10.86
C LEU A 509 7.57 44.23 10.22
N ASN A 510 8.27 45.16 9.59
CA ASN A 510 7.63 46.30 8.93
C ASN A 510 7.94 46.34 7.45
N THR A 511 8.17 45.17 6.85
CA THR A 511 8.47 45.09 5.42
C THR A 511 7.33 45.64 4.58
N THR A 512 7.68 46.14 3.41
CA THR A 512 6.72 46.39 2.35
C THR A 512 7.15 45.64 1.09
N ALA A 513 8.08 44.69 1.24
CA ALA A 513 8.53 43.90 0.10
C ALA A 513 7.53 42.76 -0.14
N LYS A 514 7.53 42.24 -1.35
CA LYS A 514 6.77 41.05 -1.70
C LYS A 514 7.72 40.01 -2.22
N ALA A 515 7.40 38.75 -1.96
CA ALA A 515 8.17 37.63 -2.51
C ALA A 515 7.30 36.39 -2.67
N GLY A 516 7.79 35.46 -3.47
CA GLY A 516 7.09 34.21 -3.68
C GLY A 516 7.72 33.37 -4.75
N PHE A 517 6.87 32.62 -5.45
CA PHE A 517 7.31 31.63 -6.42
C PHE A 517 6.61 31.88 -7.74
N ARG A 518 7.37 31.82 -8.83
CA ARG A 518 6.80 31.71 -10.16
C ARG A 518 6.90 30.26 -10.61
N VAL A 519 5.82 29.75 -11.23
CA VAL A 519 5.74 28.35 -11.67
C VAL A 519 5.14 28.25 -13.06
N LEU A 520 5.28 27.08 -13.68
CA LEU A 520 4.81 26.82 -15.04
C LEU A 520 5.23 27.96 -15.99
N ALA A 521 6.53 28.25 -15.95
CA ALA A 521 7.09 29.47 -16.54
C ALA A 521 7.99 29.22 -17.73
N SER A 522 7.70 29.94 -18.81
CA SER A 522 8.66 30.20 -19.89
C SER A 522 8.72 31.72 -19.99
N GLU A 523 9.36 32.24 -21.02
CA GLU A 523 9.37 33.70 -21.26
C GLU A 523 7.98 34.27 -21.49
N GLU A 524 7.11 33.53 -22.18
CA GLU A 524 5.77 34.03 -22.55
C GLU A 524 4.60 33.64 -21.66
N GLU A 525 4.73 32.56 -20.89
CA GLU A 525 3.64 32.12 -19.98
C GLU A 525 4.22 31.84 -18.63
N TYR A 526 3.50 32.25 -17.59
CA TYR A 526 3.95 31.98 -16.22
C TYR A 526 2.85 32.32 -15.26
N THR A 527 2.95 31.74 -14.06
CA THR A 527 1.99 31.96 -12.98
C THR A 527 2.74 32.39 -11.75
N ASP A 528 2.33 33.51 -11.16
CA ASP A 528 3.08 34.15 -10.09
C ASP A 528 2.35 34.03 -8.79
N ILE A 529 3.03 33.46 -7.78
CA ILE A 529 2.48 33.30 -6.45
C ILE A 529 3.22 34.27 -5.54
N TRP A 530 2.51 35.29 -5.05
CA TRP A 530 3.09 36.38 -4.28
C TRP A 530 2.55 36.36 -2.88
N PHE A 531 3.40 36.64 -1.90
CA PHE A 531 2.91 37.03 -0.60
C PHE A 531 3.37 38.45 -0.30
N ASP A 532 2.46 39.23 0.29
CA ASP A 532 2.61 40.66 0.54
C ASP A 532 2.27 40.89 2.00
N PRO A 533 3.27 40.77 2.89
CA PRO A 533 3.00 40.83 4.32
C PRO A 533 2.29 42.10 4.78
N ALA A 534 2.56 43.22 4.12
CA ALA A 534 1.93 44.50 4.48
C ALA A 534 0.40 44.45 4.38
N SER A 535 -0.11 43.83 3.33
CA SER A 535 -1.56 43.63 3.15
C SER A 535 -2.10 42.31 3.71
N GLU A 536 -1.20 41.38 4.04
CA GLU A 536 -1.52 40.02 4.52
C GLU A 536 -2.20 39.18 3.44
N ASN A 537 -1.90 39.45 2.17
CA ASN A 537 -2.53 38.79 1.05
C ASN A 537 -1.54 37.90 0.34
N LEU A 538 -1.93 36.63 0.19
CA LEU A 538 -1.28 35.68 -0.71
C LEU A 538 -2.08 35.70 -2.00
N THR A 539 -1.43 36.03 -3.12
CA THR A 539 -2.11 36.08 -4.41
C THR A 539 -1.50 35.15 -5.44
N VAL A 540 -2.33 34.73 -6.39
CA VAL A 540 -1.88 34.02 -7.57
C VAL A 540 -2.33 34.85 -8.75
N VAL A 541 -1.35 35.43 -9.44
CA VAL A 541 -1.61 36.30 -10.56
C VAL A 541 -1.50 35.46 -11.80
N ARG A 542 -2.58 35.46 -12.60
CA ARG A 542 -2.70 34.53 -13.71
C ARG A 542 -2.93 35.22 -15.06
N THR A 543 -2.63 36.52 -15.13
CA THR A 543 -2.78 37.29 -16.37
C THR A 543 -1.92 36.76 -17.49
N ALA A 544 -0.79 36.16 -17.16
CA ALA A 544 0.06 35.53 -18.18
C ALA A 544 0.14 33.98 -18.10
N SER A 545 -0.75 33.35 -17.32
CA SER A 545 -0.70 31.89 -17.11
C SER A 545 -0.76 31.10 -18.41
N SER A 546 -1.52 31.60 -19.39
CA SER A 546 -1.67 30.91 -20.66
C SER A 546 -1.90 31.82 -21.85
N LEU A 547 -1.35 31.44 -23.00
CA LEU A 547 -1.68 32.07 -24.29
C LEU A 547 -3.09 31.72 -24.76
N ILE A 548 -3.69 30.66 -24.21
CA ILE A 548 -5.06 30.29 -24.54
C ILE A 548 -5.97 31.21 -23.74
N LYS A 549 -6.73 32.06 -24.43
CA LYS A 549 -7.49 33.14 -23.76
C LYS A 549 -8.82 32.74 -23.12
N SER A 550 -9.35 31.58 -23.50
CA SER A 550 -10.65 31.13 -22.96
C SER A 550 -10.63 30.70 -21.48
N PHE A 551 -9.47 30.36 -20.94
CA PHE A 551 -9.36 29.94 -19.53
C PHE A 551 -9.41 31.12 -18.58
N GLY A 552 -9.83 30.88 -17.35
CA GLY A 552 -9.90 31.94 -16.35
C GLY A 552 -8.53 32.54 -16.08
N ASN A 553 -8.52 33.83 -15.81
CA ASN A 553 -7.28 34.55 -15.54
C ASN A 553 -7.35 35.51 -14.36
N ASP A 554 -8.41 35.39 -13.56
CA ASP A 554 -8.59 36.25 -12.40
C ASP A 554 -7.55 35.92 -11.32
N THR A 555 -7.27 36.90 -10.49
CA THR A 555 -6.25 36.78 -9.46
C THR A 555 -6.86 36.08 -8.26
N GLU A 556 -6.22 35.00 -7.80
CA GLU A 556 -6.64 34.31 -6.59
C GLU A 556 -6.09 35.08 -5.40
N LEU A 557 -6.78 35.01 -4.27
CA LEU A 557 -6.39 35.71 -3.07
C LEU A 557 -6.75 34.93 -1.81
N ALA A 558 -5.78 34.79 -0.90
CA ALA A 558 -5.98 34.25 0.43
C ALA A 558 -5.41 35.21 1.45
N LYS A 559 -6.05 35.30 2.62
CA LYS A 559 -5.50 36.01 3.76
C LYS A 559 -4.63 35.06 4.56
N VAL A 560 -3.45 35.53 4.96
CA VAL A 560 -2.53 34.73 5.79
C VAL A 560 -2.03 35.61 6.93
N LYS A 561 -2.28 35.17 8.16
CA LYS A 561 -1.83 35.86 9.36
C LYS A 561 -0.48 35.31 9.78
N LEU A 562 0.57 36.11 9.66
CA LEU A 562 1.87 35.72 10.23
C LEU A 562 1.87 36.08 11.72
N TYR A 563 1.71 35.07 12.57
CA TYR A 563 1.71 35.27 14.01
C TYR A 563 3.17 35.51 14.42
N GLU A 564 3.44 36.73 14.92
CA GLU A 564 4.80 37.13 15.25
C GLU A 564 5.16 36.56 16.61
N ILE A 565 6.37 36.04 16.76
CA ILE A 565 6.77 35.38 18.00
C ILE A 565 7.51 36.37 18.93
N VAL A 566 7.24 36.26 20.23
CA VAL A 566 7.84 37.14 21.24
C VAL A 566 9.36 37.08 21.11
N GLY A 567 10.00 38.24 20.96
CA GLY A 567 11.44 38.32 20.84
C GLY A 567 11.99 38.18 19.43
N ALA A 568 11.15 37.86 18.44
CA ALA A 568 11.63 37.69 17.08
C ALA A 568 11.73 39.05 16.42
N GLU A 569 12.72 39.23 15.57
CA GLU A 569 12.88 40.47 14.82
C GLU A 569 12.45 40.29 13.36
N SER A 570 11.71 39.21 13.09
CA SER A 570 11.25 38.88 11.74
C SER A 570 10.00 38.03 11.82
N LYS A 571 9.39 37.79 10.67
CA LYS A 571 8.20 36.93 10.59
C LYS A 571 8.32 36.07 9.33
N THR A 572 7.84 34.83 9.43
CA THR A 572 8.15 33.79 8.46
C THR A 572 6.91 33.13 7.84
N LEU A 573 6.95 33.02 6.51
CA LEU A 573 5.96 32.32 5.72
C LEU A 573 6.59 31.04 5.19
N ASN A 574 6.08 29.89 5.61
CA ASN A 574 6.46 28.61 5.02
C ASN A 574 5.49 28.19 3.93
N LEU A 575 5.98 28.15 2.69
CA LEU A 575 5.16 27.96 1.51
C LEU A 575 5.54 26.64 0.87
N THR A 576 4.52 25.82 0.58
CA THR A 576 4.69 24.59 -0.20
C THR A 576 3.74 24.64 -1.40
N VAL A 577 4.27 24.37 -2.58
CA VAL A 577 3.48 24.47 -3.80
C VAL A 577 3.60 23.16 -4.57
N PHE A 578 2.45 22.60 -4.92
CA PHE A 578 2.35 21.44 -5.79
C PHE A 578 1.83 21.88 -7.15
N VAL A 579 2.57 21.49 -8.18
CA VAL A 579 2.22 21.74 -9.57
C VAL A 579 2.00 20.37 -10.19
N ASP A 580 0.81 20.15 -10.73
CA ASP A 580 0.40 18.82 -11.16
C ASP A 580 -0.52 18.97 -12.38
N GLY A 581 0.09 19.00 -13.55
CA GLY A 581 -0.62 19.23 -14.79
C GLY A 581 -1.04 20.67 -14.83
N SER A 582 -2.33 20.91 -14.59
CA SER A 582 -2.91 22.24 -14.51
C SER A 582 -3.20 22.67 -13.08
N VAL A 583 -3.11 21.76 -12.10
CA VAL A 583 -3.37 22.11 -10.73
C VAL A 583 -2.15 22.80 -10.14
N ILE A 584 -2.42 23.92 -9.45
CA ILE A 584 -1.44 24.56 -8.59
C ILE A 584 -2.09 24.57 -7.21
N GLU A 585 -1.48 23.87 -6.26
CA GLU A 585 -2.04 23.74 -4.93
C GLU A 585 -1.04 24.24 -3.89
N ILE A 586 -1.44 25.28 -3.15
CA ILE A 586 -0.54 26.04 -2.30
C ILE A 586 -0.92 25.86 -0.84
N TYR A 587 0.08 25.61 0.00
CA TYR A 587 -0.10 25.46 1.45
C TYR A 587 0.82 26.43 2.16
N ALA A 588 0.28 27.19 3.11
CA ALA A 588 1.09 28.13 3.90
C ALA A 588 0.96 27.81 5.38
N ASN A 589 2.09 27.60 6.04
CA ASN A 589 2.15 27.44 7.50
C ASN A 589 1.24 26.38 8.10
N ASP A 590 0.98 25.32 7.33
CA ASP A 590 0.08 24.22 7.76
C ASP A 590 -1.29 24.75 8.20
N GLU A 591 -1.80 25.71 7.46
CA GLU A 591 -2.98 26.43 7.87
C GLU A 591 -3.80 26.88 6.68
N VAL A 592 -3.17 27.57 5.74
CA VAL A 592 -3.88 28.20 4.62
C VAL A 592 -3.65 27.40 3.36
N ALA A 593 -4.72 27.14 2.61
CA ALA A 593 -4.66 26.37 1.37
C ALA A 593 -5.33 27.16 0.27
N LEU A 594 -4.76 27.10 -0.93
CA LEU A 594 -5.31 27.76 -2.10
C LEU A 594 -5.00 26.89 -3.31
N SER A 595 -6.07 26.38 -3.95
CA SER A 595 -5.97 25.51 -5.11
C SER A 595 -6.42 26.31 -6.32
N THR A 596 -5.67 26.25 -7.41
CA THR A 596 -6.11 26.96 -8.62
C THR A 596 -5.63 26.21 -9.85
N ARG A 597 -5.86 26.81 -11.02
CA ARG A 597 -5.59 26.19 -12.31
C ARG A 597 -4.80 27.10 -13.25
N ALA A 598 -3.87 26.52 -13.99
CA ALA A 598 -3.14 27.22 -15.05
C ALA A 598 -2.94 26.29 -16.20
N TYR A 599 -3.21 26.77 -17.42
CA TYR A 599 -3.16 25.94 -18.61
C TYR A 599 -2.24 26.52 -19.72
N PRO A 600 -0.94 26.76 -19.41
CA PRO A 600 -0.03 27.23 -20.47
C PRO A 600 0.07 26.27 -21.66
N TRP A 601 0.10 26.81 -22.86
CA TRP A 601 0.17 25.99 -24.07
C TRP A 601 1.56 25.45 -24.35
N LEU A 602 2.59 26.27 -24.16
CA LEU A 602 3.92 25.94 -24.67
C LEU A 602 4.54 24.80 -23.88
N ALA A 603 5.20 23.88 -24.59
CA ALA A 603 5.85 22.75 -23.96
C ALA A 603 6.89 23.14 -22.93
N ASN A 604 7.55 24.28 -23.14
CA ASN A 604 8.59 24.74 -22.23
C ASN A 604 8.09 25.67 -21.10
N SER A 605 6.77 25.85 -20.95
CA SER A 605 6.24 26.59 -19.80
C SER A 605 6.16 25.70 -18.54
N THR A 606 7.31 25.22 -18.10
CA THR A 606 7.45 24.35 -16.94
C THR A 606 8.38 24.90 -15.85
N GLY A 607 9.11 25.99 -16.14
CA GLY A 607 10.11 26.51 -15.22
C GLY A 607 9.57 27.10 -13.93
N ALA A 608 10.49 27.33 -13.00
CA ALA A 608 10.15 27.88 -11.71
C ALA A 608 11.31 28.62 -11.05
N GLY A 609 10.96 29.53 -10.16
CA GLY A 609 11.96 30.29 -9.45
C GLY A 609 11.36 31.26 -8.46
N LEU A 610 12.18 32.17 -7.96
CA LEU A 610 11.79 33.12 -6.92
C LEU A 610 11.31 34.44 -7.50
N LEU A 611 10.30 35.01 -6.85
CA LEU A 611 9.77 36.33 -7.17
C LEU A 611 10.16 37.30 -6.07
N ALA A 612 10.51 38.52 -6.46
CA ALA A 612 10.87 39.59 -5.54
C ALA A 612 10.34 40.91 -6.06
N ASP A 613 9.74 41.71 -5.17
CA ASP A 613 9.26 43.04 -5.50
C ASP A 613 9.44 43.97 -4.30
N GLY A 614 10.09 45.11 -4.53
CA GLY A 614 10.38 46.07 -3.48
C GLY A 614 11.41 45.58 -2.46
N THR A 615 12.25 44.62 -2.84
CA THR A 615 13.37 44.22 -1.99
C THR A 615 14.55 45.17 -2.25
N THR A 616 15.12 45.67 -1.16
CA THR A 616 16.21 46.66 -1.18
C THR A 616 17.33 46.21 -0.23
N ALA A 617 18.39 47.03 -0.16
CA ALA A 617 19.46 46.80 0.82
C ALA A 617 18.94 46.81 2.26
N GLY A 618 17.92 47.63 2.51
CA GLY A 618 17.32 47.75 3.84
C GLY A 618 16.10 46.86 4.07
N ASP A 619 15.35 46.56 3.01
CA ASP A 619 14.12 45.75 3.13
C ASP A 619 14.40 44.43 2.40
N VAL A 620 14.84 43.46 3.19
CA VAL A 620 15.44 42.25 2.67
C VAL A 620 14.55 41.05 2.99
N VAL A 621 14.44 40.11 2.04
CA VAL A 621 13.70 38.86 2.27
C VAL A 621 14.66 37.68 2.18
N GLY A 622 14.78 36.94 3.28
CA GLY A 622 15.68 35.79 3.35
C GLY A 622 14.90 34.52 3.02
N VAL A 623 15.33 33.81 1.99
CA VAL A 623 14.68 32.58 1.58
C VAL A 623 15.60 31.40 1.88
N SER A 624 15.10 30.44 2.69
CA SER A 624 15.84 29.25 3.06
C SER A 624 14.92 28.03 3.00
N GLY A 625 15.46 26.86 3.29
CA GLY A 625 14.70 25.62 3.22
C GLY A 625 14.16 25.35 1.83
N LEU A 626 14.87 25.82 0.79
CA LEU A 626 14.41 25.70 -0.60
C LEU A 626 14.66 24.30 -1.16
N GLU A 627 13.62 23.69 -1.71
CA GLU A 627 13.71 22.36 -2.31
C GLU A 627 12.77 22.27 -3.50
N LEU A 628 13.25 21.64 -4.56
CA LEU A 628 12.46 21.27 -5.71
C LEU A 628 12.37 19.75 -5.73
N TRP A 629 11.14 19.23 -5.82
CA TRP A 629 10.89 17.80 -6.06
C TRP A 629 10.34 17.64 -7.47
N ASP A 630 11.18 17.16 -8.39
CA ASP A 630 10.77 16.99 -9.77
C ASP A 630 10.25 15.58 -10.06
N GLY A 631 9.00 15.50 -10.50
CA GLY A 631 8.39 14.25 -10.96
C GLY A 631 7.19 13.79 -10.17
N LEU A 632 7.25 13.92 -8.84
CA LEU A 632 6.22 13.42 -7.92
C LEU A 632 6.01 11.90 -8.14
N VAL A 633 4.75 11.43 -8.13
CA VAL A 633 4.41 10.02 -8.23
C VAL A 633 3.36 9.87 -9.32
N ASP A 634 3.44 8.77 -10.03
CA ASP A 634 2.36 8.34 -10.91
C ASP A 634 1.24 7.74 -10.02
N ALA A 635 0.18 8.51 -9.78
CA ALA A 635 -0.88 8.10 -8.85
C ALA A 635 -1.77 6.95 -9.33
N TRP A 636 -1.79 6.68 -10.64
CA TRP A 636 -2.61 5.65 -11.23
C TRP A 636 -1.77 4.71 -12.10
N PRO A 637 -0.91 3.91 -11.47
CA PRO A 637 0.07 3.14 -12.23
C PRO A 637 -0.53 2.15 -13.22
N ALA A 638 -1.73 1.61 -12.94
CA ALA A 638 -2.36 0.67 -13.87
C ALA A 638 -3.03 1.36 -15.07
N ARG A 639 -3.24 2.68 -15.01
CA ARG A 639 -3.90 3.37 -16.10
C ARG A 639 -2.90 3.71 -17.20
N PRO A 640 -3.28 3.53 -18.47
CA PRO A 640 -2.46 4.14 -19.53
C PRO A 640 -2.60 5.68 -19.50
N ALA A 641 -1.78 6.36 -20.29
CA ALA A 641 -1.79 7.83 -20.34
C ALA A 641 -3.14 8.37 -20.81
N ASN A 642 -3.74 7.70 -21.79
CA ASN A 642 -5.04 8.10 -22.30
C ASN A 642 -6.11 7.10 -21.93
N THR A 643 -6.92 7.43 -20.92
CA THR A 643 -8.01 6.58 -20.46
C THR A 643 -9.37 7.07 -20.96
N SER A 644 -9.38 7.97 -21.95
CA SER A 644 -10.62 8.34 -22.60
C SER A 644 -11.32 7.14 -23.23
N GLN A 645 -12.64 7.13 -23.15
CA GLN A 645 -13.44 6.17 -23.90
C GLN A 645 -14.36 6.90 -24.85
N GLY A 646 -14.02 8.13 -25.21
CA GLY A 646 -14.87 8.96 -26.04
C GLY A 646 -15.98 9.60 -25.25
N LEU A 647 -16.67 10.51 -25.91
CA LEU A 647 -17.78 11.23 -25.30
C LEU A 647 -19.05 10.92 -26.07
N VAL A 648 -20.18 11.02 -25.38
CA VAL A 648 -21.46 10.73 -25.98
C VAL A 648 -22.44 11.84 -25.69
N TRP A 649 -23.47 11.90 -26.52
CA TRP A 649 -24.58 12.82 -26.36
C TRP A 649 -25.83 12.04 -25.98
N ASP A 650 -26.58 12.55 -25.01
CA ASP A 650 -27.82 11.91 -24.56
C ASP A 650 -28.95 12.00 -25.58
N GLY A 651 -28.83 12.94 -26.52
CA GLY A 651 -29.80 13.10 -27.59
C GLY A 651 -30.85 14.13 -27.23
N PRO A 652 -31.88 14.25 -28.07
CA PRO A 652 -32.89 15.29 -27.88
C PRO A 652 -33.71 15.17 -26.58
N THR A 653 -33.81 13.96 -26.01
CA THR A 653 -34.57 13.80 -24.77
C THR A 653 -33.93 14.52 -23.57
N ALA A 654 -32.64 14.84 -23.64
CA ALA A 654 -32.02 15.52 -22.49
C ALA A 654 -32.72 16.84 -22.21
N ALA A 655 -32.99 17.61 -23.25
CA ALA A 655 -33.70 18.89 -23.10
C ALA A 655 -35.17 18.67 -22.74
N MET A 656 -35.76 17.58 -23.22
CA MET A 656 -37.14 17.25 -22.83
C MET A 656 -37.29 16.95 -21.34
N TYR A 657 -36.41 16.11 -20.80
CA TYR A 657 -36.46 15.81 -19.37
C TYR A 657 -36.01 17.00 -18.54
N GLY A 658 -35.06 17.77 -19.06
CA GLY A 658 -34.64 19.01 -18.41
C GLY A 658 -33.76 18.83 -17.16
N LEU A 659 -33.21 17.63 -16.95
CA LEU A 659 -32.46 17.33 -15.73
C LEU A 659 -30.96 17.46 -15.88
N PHE A 660 -30.45 17.04 -17.03
CA PHE A 660 -29.03 17.01 -17.33
C PHE A 660 -28.76 17.75 -18.63
N ALA A 661 -27.59 18.39 -18.75
CA ALA A 661 -27.21 19.07 -19.98
C ALA A 661 -27.23 18.12 -21.18
N GLY A 662 -26.79 16.87 -20.98
CA GLY A 662 -26.82 15.85 -22.01
C GLY A 662 -25.48 15.50 -22.66
N TYR A 663 -24.42 16.21 -22.26
CA TYR A 663 -23.10 16.01 -22.86
C TYR A 663 -22.04 16.21 -21.79
N CYS B 40 -9.25 -31.11 28.20
CA CYS B 40 -8.40 -30.07 27.54
C CYS B 40 -8.43 -28.75 28.30
N SER B 41 -7.33 -28.43 28.95
CA SER B 41 -7.13 -27.13 29.58
C SER B 41 -6.20 -26.32 28.68
N LEU B 42 -6.53 -25.04 28.51
CA LEU B 42 -5.70 -24.11 27.75
C LEU B 42 -5.01 -23.14 28.70
N ASP B 43 -4.76 -23.58 29.93
CA ASP B 43 -4.10 -22.74 30.94
C ASP B 43 -2.61 -22.74 30.62
N GLN B 44 -2.13 -21.63 30.10
CA GLN B 44 -0.71 -21.47 29.77
C GLN B 44 0.15 -20.91 30.92
N THR B 45 -0.42 -20.85 32.14
CA THR B 45 0.37 -20.55 33.36
C THR B 45 0.86 -21.81 34.07
N VAL B 46 0.40 -22.99 33.63
CA VAL B 46 0.85 -24.27 34.20
C VAL B 46 1.30 -25.18 33.09
N ALA B 47 1.92 -26.30 33.45
CA ALA B 47 2.40 -27.30 32.48
C ALA B 47 1.28 -27.75 31.54
N PRO B 48 1.64 -28.13 30.30
CA PRO B 48 0.60 -28.56 29.36
C PRO B 48 0.06 -29.93 29.72
N GLY B 49 -1.24 -30.10 29.58
CA GLY B 49 -1.84 -31.43 29.73
C GLY B 49 -1.65 -32.28 28.48
N ASN B 50 -2.61 -33.16 28.26
CA ASN B 50 -2.67 -33.93 27.04
C ASN B 50 -3.46 -33.11 26.02
N LEU B 51 -2.74 -32.42 25.15
CA LEU B 51 -3.37 -31.50 24.20
C LEU B 51 -4.09 -32.21 23.03
N THR B 52 -3.80 -33.49 22.80
CA THR B 52 -4.56 -34.30 21.84
C THR B 52 -6.04 -34.50 22.20
N LEU B 53 -6.42 -34.23 23.44
CA LEU B 53 -7.83 -34.23 23.84
C LEU B 53 -8.57 -32.97 23.42
N CYS B 54 -7.85 -31.93 23.04
CA CYS B 54 -8.45 -30.66 22.65
C CYS B 54 -9.19 -30.79 21.31
N GLY B 55 -10.24 -29.99 21.15
CA GLY B 55 -11.05 -30.00 19.93
C GLY B 55 -10.32 -29.35 18.74
N ASN B 56 -10.98 -29.42 17.60
CA ASN B 56 -10.44 -28.84 16.35
C ASN B 56 -10.27 -27.34 16.48
N ALA B 57 -9.09 -26.83 16.09
CA ALA B 57 -8.83 -25.38 16.09
C ALA B 57 -8.92 -24.71 17.47
N THR B 58 -8.83 -25.48 18.55
CA THR B 58 -8.80 -24.91 19.90
C THR B 58 -7.47 -24.27 20.18
N LEU B 59 -6.41 -24.72 19.51
CA LEU B 59 -5.10 -24.09 19.57
C LEU B 59 -4.79 -23.15 18.38
N PHE B 60 -5.82 -22.54 17.80
CA PHE B 60 -5.66 -21.79 16.55
C PHE B 60 -4.73 -20.60 16.70
N THR B 61 -4.94 -19.80 17.74
CA THR B 61 -4.13 -18.58 17.96
C THR B 61 -2.88 -18.80 18.81
N THR B 62 -2.75 -19.95 19.47
CA THR B 62 -1.68 -20.20 20.46
C THR B 62 -0.27 -20.02 19.91
N PHE B 63 0.00 -20.61 18.74
CA PHE B 63 1.34 -20.58 18.15
C PHE B 63 1.38 -19.86 16.79
N ARG B 64 0.33 -19.12 16.45
CA ARG B 64 0.10 -18.72 15.07
C ARG B 64 0.88 -17.46 14.70
N PRO B 65 1.65 -17.48 13.59
CA PRO B 65 2.25 -16.22 13.11
C PRO B 65 1.21 -15.13 12.82
N LYS B 66 1.58 -13.89 13.12
CA LYS B 66 0.75 -12.70 12.86
C LYS B 66 1.35 -11.70 11.86
N ALA B 67 2.66 -11.76 11.62
CA ALA B 67 3.35 -10.69 10.88
C ALA B 67 3.82 -11.09 9.48
N ARG B 68 3.30 -12.20 8.96
CA ARG B 68 3.73 -12.77 7.68
C ARG B 68 2.56 -13.34 6.89
N PHE B 69 2.86 -13.70 5.65
CA PHE B 69 1.88 -14.33 4.79
C PHE B 69 1.52 -15.72 5.31
N ILE B 70 0.23 -15.95 5.51
CA ILE B 70 -0.30 -17.24 5.91
C ILE B 70 -1.75 -17.33 5.42
N ALA B 71 -2.20 -18.53 5.09
CA ALA B 71 -3.59 -18.76 4.68
C ALA B 71 -4.56 -18.43 5.82
N PRO B 72 -5.83 -18.14 5.50
CA PRO B 72 -6.76 -17.89 6.61
C PRO B 72 -6.93 -19.07 7.57
N GLU B 73 -6.85 -20.28 7.03
CA GLU B 73 -6.98 -21.51 7.81
C GLU B 73 -6.59 -22.71 6.96
N GLY B 74 -6.48 -23.85 7.61
CA GLY B 74 -6.24 -25.10 6.90
C GLY B 74 -4.83 -25.27 6.37
N TRP B 75 -4.68 -26.14 5.39
CA TRP B 75 -3.40 -26.53 4.86
C TRP B 75 -2.92 -25.54 3.81
N MET B 76 -1.64 -25.16 3.88
CA MET B 76 -0.97 -24.51 2.74
C MET B 76 0.43 -25.11 2.55
N ASN B 77 0.91 -25.04 1.31
CA ASN B 77 2.31 -25.28 1.06
C ASN B 77 2.91 -24.23 0.11
N ALA B 78 3.39 -24.63 -1.07
CA ALA B 78 4.23 -23.80 -1.92
C ALA B 78 3.57 -22.49 -2.38
N PRO B 79 4.34 -21.37 -2.36
CA PRO B 79 3.95 -20.19 -3.09
C PRO B 79 3.83 -20.51 -4.57
N MET B 80 2.94 -19.79 -5.26
CA MET B 80 2.72 -19.96 -6.69
C MET B 80 2.09 -18.70 -7.27
N GLY B 81 2.10 -18.62 -8.59
CA GLY B 81 1.44 -17.55 -9.32
C GLY B 81 1.85 -16.16 -8.89
N LEU B 82 3.11 -15.99 -8.53
CA LEU B 82 3.60 -14.70 -8.04
C LEU B 82 3.82 -13.71 -9.18
N TYR B 83 3.23 -12.51 -9.05
CA TYR B 83 3.52 -11.43 -10.00
C TYR B 83 3.14 -10.06 -9.45
N GLN B 84 3.85 -9.05 -9.94
CA GLN B 84 3.52 -7.68 -9.64
C GLN B 84 2.47 -7.23 -10.64
N ARG B 85 1.33 -6.80 -10.13
CA ARG B 85 0.19 -6.42 -10.98
C ARG B 85 0.44 -5.04 -11.58
N ALA B 86 -0.41 -4.68 -12.55
CA ALA B 86 -0.28 -3.40 -13.27
C ALA B 86 -0.32 -2.17 -12.34
N ASP B 87 -1.04 -2.28 -11.22
CA ASP B 87 -1.11 -1.17 -10.24
C ASP B 87 0.07 -1.12 -9.27
N GLY B 88 1.03 -2.04 -9.44
CA GLY B 88 2.21 -2.08 -8.58
C GLY B 88 2.08 -3.01 -7.38
N SER B 89 0.87 -3.49 -7.09
CA SER B 89 0.66 -4.37 -5.96
C SER B 89 1.18 -5.78 -6.29
N ILE B 90 1.37 -6.58 -5.25
CA ILE B 90 1.89 -7.93 -5.39
C ILE B 90 0.76 -8.93 -5.25
N HIS B 91 0.60 -9.80 -6.25
CA HIS B 91 -0.31 -10.94 -6.18
C HIS B 91 0.50 -12.16 -5.75
N ALA B 92 0.06 -12.82 -4.69
CA ALA B 92 0.68 -14.04 -4.21
C ALA B 92 -0.37 -15.14 -4.14
N GLY B 93 -0.09 -16.22 -4.85
CA GLY B 93 -0.86 -17.45 -4.75
C GLY B 93 -0.13 -18.44 -3.86
N TYR B 94 -0.86 -19.48 -3.47
CA TYR B 94 -0.27 -20.56 -2.70
C TYR B 94 -1.08 -21.84 -2.82
N GLN B 95 -0.37 -22.97 -2.76
CA GLN B 95 -1.01 -24.30 -2.70
C GLN B 95 -1.84 -24.34 -1.42
N SER B 96 -3.12 -24.69 -1.55
CA SER B 96 -4.10 -24.53 -0.50
C SER B 96 -5.10 -25.68 -0.44
N HIS B 97 -5.41 -26.14 0.77
CA HIS B 97 -6.50 -27.10 1.03
C HIS B 97 -7.27 -26.63 2.25
N PRO B 98 -8.28 -25.76 2.03
CA PRO B 98 -9.08 -25.23 3.15
C PRO B 98 -9.80 -26.32 3.94
N LYS B 99 -9.96 -26.10 5.24
CA LYS B 99 -10.73 -26.97 6.14
C LYS B 99 -10.19 -28.38 6.29
N HIS B 100 -8.91 -28.55 5.97
CA HIS B 100 -8.18 -29.78 6.12
C HIS B 100 -6.83 -29.37 6.69
N ILE B 101 -6.13 -30.33 7.31
CA ILE B 101 -4.76 -30.10 7.80
C ILE B 101 -3.71 -31.02 7.18
N GLN B 102 -4.11 -31.77 6.15
CA GLN B 102 -3.18 -32.44 5.27
C GLN B 102 -3.50 -32.04 3.84
N TRP B 103 -2.53 -32.25 2.96
CA TRP B 103 -2.60 -31.89 1.54
C TRP B 103 -3.72 -32.66 0.83
N GLY B 104 -4.31 -32.01 -0.15
CA GLY B 104 -5.35 -32.63 -0.98
C GLY B 104 -6.11 -31.59 -1.80
N ASN B 105 -6.79 -32.04 -2.84
CA ASN B 105 -7.55 -31.20 -3.78
C ASN B 105 -6.85 -29.88 -4.06
N ILE B 106 -5.55 -29.98 -4.34
CA ILE B 106 -4.71 -28.84 -4.10
C ILE B 106 -5.08 -27.72 -5.08
N SER B 107 -5.21 -26.53 -4.55
CA SER B 107 -5.78 -25.38 -5.24
C SER B 107 -4.91 -24.15 -5.02
N GLN B 108 -5.15 -23.09 -5.80
CA GLN B 108 -4.48 -21.81 -5.56
C GLN B 108 -5.36 -20.95 -4.67
N GLY B 109 -4.89 -20.69 -3.46
CA GLY B 109 -5.41 -19.61 -2.63
C GLY B 109 -4.63 -18.36 -3.00
N ALA B 110 -5.22 -17.17 -2.79
CA ALA B 110 -4.54 -15.96 -3.21
C ALA B 110 -4.86 -14.74 -2.38
N ALA B 111 -3.93 -13.80 -2.40
CA ALA B 111 -4.07 -12.52 -1.70
C ALA B 111 -3.18 -11.49 -2.40
N TYR B 112 -3.35 -10.22 -2.01
CA TYR B 112 -2.56 -9.14 -2.58
C TYR B 112 -2.08 -8.15 -1.51
N SER B 113 -1.03 -7.41 -1.86
CA SER B 113 -0.40 -6.45 -0.97
C SER B 113 0.27 -5.37 -1.78
N SER B 114 0.27 -4.14 -1.27
CA SER B 114 1.02 -3.07 -1.92
C SER B 114 2.46 -2.96 -1.40
N ASP B 115 2.85 -3.71 -0.36
CA ASP B 115 4.17 -3.54 0.27
C ASP B 115 4.84 -4.84 0.78
N PHE B 116 4.41 -5.99 0.25
CA PHE B 116 4.84 -7.33 0.70
C PHE B 116 4.47 -7.71 2.13
N THR B 117 3.82 -6.81 2.87
CA THR B 117 3.78 -6.89 4.32
C THR B 117 2.37 -6.93 4.89
N SER B 118 1.51 -6.01 4.44
CA SER B 118 0.11 -5.98 4.81
C SER B 118 -0.71 -6.54 3.65
N TRP B 119 -1.48 -7.60 3.92
CA TRP B 119 -2.15 -8.38 2.88
C TRP B 119 -3.65 -8.34 2.99
N THR B 120 -4.31 -8.58 1.87
CA THR B 120 -5.75 -8.73 1.79
C THR B 120 -6.11 -9.97 0.98
N ASP B 121 -6.98 -10.79 1.53
CA ASP B 121 -7.45 -12.01 0.85
C ASP B 121 -8.36 -11.67 -0.32
N PHE B 122 -8.26 -12.44 -1.41
CA PHE B 122 -9.33 -12.44 -2.41
C PHE B 122 -10.53 -13.13 -1.78
N ASN B 123 -11.72 -12.75 -2.21
CA ASN B 123 -12.98 -13.34 -1.76
C ASN B 123 -13.93 -13.46 -2.95
N GLY B 124 -14.15 -14.67 -3.41
CA GLY B 124 -15.02 -14.93 -4.56
C GLY B 124 -15.92 -16.10 -4.24
N SER B 125 -16.44 -16.74 -5.27
CA SER B 125 -17.40 -17.84 -5.08
C SER B 125 -16.78 -19.04 -4.34
N GLU B 126 -15.46 -19.20 -4.41
CA GLU B 126 -14.77 -20.26 -3.66
C GLU B 126 -13.94 -19.71 -2.51
N GLY B 127 -14.44 -18.65 -1.87
CA GLY B 127 -13.75 -18.05 -0.74
C GLY B 127 -12.46 -17.40 -1.19
N TYR B 128 -11.34 -17.84 -0.61
CA TYR B 128 -10.04 -17.26 -0.96
C TYR B 128 -9.32 -18.06 -2.05
N LYS B 129 -9.95 -19.11 -2.56
CA LYS B 129 -9.40 -19.82 -3.70
C LYS B 129 -9.68 -19.08 -4.99
N THR B 130 -8.74 -19.16 -5.93
CA THR B 130 -8.94 -18.62 -7.29
C THR B 130 -8.74 -19.61 -8.44
N ILE B 131 -8.06 -20.73 -8.19
CA ILE B 131 -7.99 -21.83 -9.16
C ILE B 131 -8.13 -23.14 -8.37
N TRP B 132 -8.89 -24.08 -8.92
CA TRP B 132 -9.15 -25.34 -8.23
C TRP B 132 -9.29 -26.47 -9.25
N PRO B 133 -9.09 -27.72 -8.83
CA PRO B 133 -9.36 -28.86 -9.70
C PRO B 133 -10.80 -28.83 -10.25
N SER B 134 -10.93 -28.91 -11.59
CA SER B 134 -12.25 -28.85 -12.23
C SER B 134 -12.41 -29.62 -13.54
N GLN B 135 -11.34 -30.19 -14.07
CA GLN B 135 -11.33 -30.79 -15.40
C GLN B 135 -10.58 -32.12 -15.30
N ILE B 136 -10.85 -33.03 -16.22
CA ILE B 136 -10.15 -34.33 -16.21
C ILE B 136 -8.62 -34.18 -16.11
N TYR B 137 -8.08 -33.16 -16.77
CA TYR B 137 -6.64 -32.92 -16.81
C TYR B 137 -6.01 -32.35 -15.53
N ASP B 138 -6.80 -31.67 -14.68
CA ASP B 138 -6.29 -31.15 -13.40
C ASP B 138 -7.07 -31.57 -12.16
N ILE B 139 -7.95 -32.57 -12.28
CA ILE B 139 -8.85 -32.94 -11.18
C ILE B 139 -8.13 -33.47 -9.94
N ARG B 140 -6.92 -34.00 -10.13
CA ARG B 140 -6.13 -34.56 -9.02
C ARG B 140 -5.35 -33.47 -8.26
N GLY B 141 -5.33 -32.24 -8.79
CA GLY B 141 -4.64 -31.13 -8.13
C GLY B 141 -4.13 -30.10 -9.15
N VAL B 142 -4.33 -28.82 -8.79
CA VAL B 142 -3.75 -27.69 -9.48
C VAL B 142 -2.44 -27.42 -8.76
N PHE B 143 -1.35 -27.93 -9.32
CA PHE B 143 -0.02 -27.86 -8.69
C PHE B 143 0.59 -26.49 -8.98
N ASP B 144 1.88 -26.32 -8.68
CA ASP B 144 2.59 -25.07 -8.83
C ASP B 144 2.54 -24.55 -10.27
N GLY B 145 2.53 -23.22 -10.39
CA GLY B 145 2.61 -22.55 -11.68
C GLY B 145 3.18 -21.15 -11.54
N SER B 146 3.48 -20.55 -12.69
CA SER B 146 4.09 -19.22 -12.73
C SER B 146 3.45 -18.38 -13.81
N ILE B 147 3.74 -17.09 -13.77
CA ILE B 147 2.97 -16.09 -14.50
C ILE B 147 3.69 -15.58 -15.76
N ILE B 148 2.97 -15.63 -16.88
CA ILE B 148 3.25 -14.87 -18.08
C ILE B 148 2.48 -13.57 -17.96
N LYS B 149 3.18 -12.45 -17.76
CA LYS B 149 2.48 -11.18 -17.49
C LYS B 149 1.68 -10.65 -18.67
N GLU B 150 2.19 -10.80 -19.88
CA GLU B 150 1.47 -10.46 -21.10
C GLU B 150 1.18 -11.69 -21.92
N GLY B 151 0.06 -12.35 -21.58
CA GLY B 151 -0.22 -13.67 -22.12
C GLY B 151 -1.43 -13.64 -23.03
N ILE B 152 -2.32 -14.61 -22.84
CA ILE B 152 -3.51 -14.78 -23.67
C ILE B 152 -4.31 -13.46 -23.71
N ASP B 153 -4.49 -12.93 -24.92
CA ASP B 153 -5.18 -11.66 -25.18
C ASP B 153 -4.61 -10.49 -24.38
N GLY B 154 -3.31 -10.53 -24.10
CA GLY B 154 -2.64 -9.51 -23.32
C GLY B 154 -2.81 -9.61 -21.80
N TYR B 155 -3.55 -10.61 -21.31
CA TYR B 155 -3.83 -10.71 -19.88
C TYR B 155 -2.79 -11.55 -19.13
N PRO B 156 -2.59 -11.27 -17.82
CA PRO B 156 -1.75 -12.17 -17.05
C PRO B 156 -2.25 -13.60 -17.15
N THR B 157 -1.32 -14.52 -17.31
CA THR B 157 -1.62 -15.89 -17.68
C THR B 157 -0.73 -16.78 -16.83
N ILE B 158 -1.31 -17.84 -16.27
CA ILE B 158 -0.57 -18.79 -15.46
C ILE B 158 -0.36 -20.06 -16.27
N LEU B 159 0.87 -20.57 -16.24
CA LEU B 159 1.18 -21.90 -16.75
C LEU B 159 1.42 -22.72 -15.51
N TYR B 160 0.63 -23.77 -15.33
CA TYR B 160 0.64 -24.56 -14.09
C TYR B 160 0.63 -26.06 -14.37
N THR B 161 1.07 -26.83 -13.40
CA THR B 161 1.00 -28.28 -13.53
C THR B 161 -0.41 -28.76 -13.20
N SER B 162 -1.08 -29.29 -14.22
CA SER B 162 -2.38 -29.90 -14.11
C SER B 162 -2.18 -31.40 -13.94
N THR B 163 -2.68 -31.94 -12.83
CA THR B 163 -2.51 -33.37 -12.53
C THR B 163 -3.82 -34.16 -12.65
N SER B 164 -3.72 -35.39 -13.16
CA SER B 164 -4.83 -36.34 -13.24
C SER B 164 -4.45 -37.61 -12.46
N PHE B 165 -5.06 -38.75 -12.77
N PHE B 165 -5.04 -38.76 -12.78
CA PHE B 165 -4.97 -39.96 -11.97
CA PHE B 165 -4.99 -39.95 -11.98
C PHE B 165 -3.64 -40.64 -12.23
C PHE B 165 -3.65 -40.66 -12.24
N GLY B 166 -3.29 -41.61 -11.41
CA GLY B 166 -2.16 -42.52 -11.59
C GLY B 166 -1.13 -42.28 -10.49
N PRO B 167 -0.20 -43.23 -10.30
CA PRO B 167 0.89 -43.01 -9.36
C PRO B 167 1.65 -41.72 -9.71
N LEU B 168 1.93 -40.91 -8.69
CA LEU B 168 2.58 -39.63 -8.88
C LEU B 168 3.61 -39.49 -7.77
N GLY B 169 4.88 -39.43 -8.16
CA GLY B 169 5.97 -39.30 -7.21
C GLY B 169 7.29 -39.83 -7.73
N ALA B 170 8.37 -39.26 -7.19
CA ALA B 170 9.73 -39.56 -7.60
C ALA B 170 10.15 -41.00 -7.26
N THR B 171 9.54 -41.59 -6.23
CA THR B 171 9.82 -42.98 -5.84
C THR B 171 8.75 -43.97 -6.32
N LEU B 172 7.85 -43.54 -7.21
CA LEU B 172 6.79 -44.40 -7.74
C LEU B 172 7.00 -44.54 -9.22
N ASN B 173 6.19 -45.37 -9.84
CA ASN B 173 6.27 -45.59 -11.28
C ASN B 173 5.23 -44.71 -11.98
N GLU B 174 5.53 -43.42 -12.06
CA GLU B 174 4.63 -42.45 -12.71
C GLU B 174 4.64 -42.68 -14.21
N ALA B 175 3.51 -42.36 -14.85
CA ALA B 175 3.40 -42.46 -16.29
C ALA B 175 2.99 -41.12 -16.86
N GLU B 176 3.20 -41.01 -18.16
CA GLU B 176 2.92 -39.83 -18.94
C GLU B 176 1.41 -39.52 -18.87
N GLY B 177 1.06 -38.23 -18.75
CA GLY B 177 -0.34 -37.81 -18.60
C GLY B 177 -0.73 -37.47 -17.18
N THR B 178 -0.15 -38.14 -16.20
CA THR B 178 -0.45 -37.86 -14.80
C THR B 178 -0.11 -36.40 -14.44
N GLU B 179 1.00 -35.88 -14.96
CA GLU B 179 1.37 -34.49 -14.81
C GLU B 179 1.52 -33.85 -16.16
N THR B 180 0.70 -32.84 -16.43
CA THR B 180 0.76 -32.06 -17.66
C THR B 180 0.82 -30.59 -17.30
N GLN B 181 0.95 -29.70 -18.29
CA GLN B 181 1.01 -28.27 -18.02
C GLN B 181 -0.08 -27.55 -18.83
N SER B 182 -0.78 -26.66 -18.14
CA SER B 182 -1.99 -26.04 -18.66
C SER B 182 -1.95 -24.53 -18.41
N LEU B 183 -2.75 -23.81 -19.20
CA LEU B 183 -2.85 -22.37 -19.12
C LEU B 183 -4.22 -21.90 -18.60
N ALA B 184 -4.17 -20.81 -17.85
CA ALA B 184 -5.36 -20.03 -17.50
C ALA B 184 -4.98 -18.56 -17.46
N TYR B 185 -5.95 -17.68 -17.70
CA TYR B 185 -5.67 -16.24 -17.70
C TYR B 185 -6.71 -15.50 -16.87
N THR B 186 -6.35 -14.31 -16.41
CA THR B 186 -7.25 -13.51 -15.59
C THR B 186 -7.58 -12.18 -16.26
N THR B 187 -8.88 -11.86 -16.34
CA THR B 187 -9.35 -10.56 -16.82
C THR B 187 -9.69 -9.58 -15.68
N ASP B 188 -9.45 -9.99 -14.44
CA ASP B 188 -9.82 -9.18 -13.27
C ASP B 188 -8.69 -9.15 -12.23
N ASP B 189 -7.45 -9.13 -12.72
CA ASP B 189 -6.26 -8.99 -11.86
C ASP B 189 -6.15 -10.04 -10.74
N GLY B 190 -6.52 -11.27 -11.05
CA GLY B 190 -6.35 -12.38 -10.13
C GLY B 190 -7.53 -12.73 -9.25
N ALA B 191 -8.66 -12.03 -9.39
CA ALA B 191 -9.86 -12.40 -8.64
C ALA B 191 -10.41 -13.74 -9.15
N SER B 192 -10.24 -14.00 -10.45
CA SER B 192 -10.64 -15.25 -11.06
C SER B 192 -9.74 -15.59 -12.25
N TRP B 193 -9.73 -16.86 -12.64
CA TRP B 193 -8.94 -17.33 -13.78
C TRP B 193 -9.83 -18.17 -14.66
N ILE B 194 -9.64 -18.01 -15.97
CA ILE B 194 -10.34 -18.79 -16.98
C ILE B 194 -9.32 -19.73 -17.63
N LYS B 195 -9.57 -21.03 -17.55
CA LYS B 195 -8.72 -22.03 -18.17
C LYS B 195 -9.07 -22.11 -19.64
N LEU B 196 -8.08 -22.38 -20.49
CA LEU B 196 -8.36 -22.75 -21.87
C LEU B 196 -9.15 -24.05 -21.86
N GLY B 197 -9.89 -24.31 -22.94
CA GLY B 197 -10.68 -25.52 -23.05
C GLY B 197 -9.81 -26.77 -23.06
N TYR B 198 -10.41 -27.90 -22.69
CA TYR B 198 -9.74 -29.18 -22.83
C TYR B 198 -9.75 -29.61 -24.29
N GLY B 199 -8.59 -30.01 -24.81
CA GLY B 199 -8.55 -30.68 -26.12
C GLY B 199 -7.34 -30.38 -26.98
N ALA B 200 -7.42 -30.88 -28.22
CA ALA B 200 -6.34 -30.74 -29.19
C ALA B 200 -6.10 -29.28 -29.48
N GLY B 201 -4.86 -28.84 -29.34
CA GLY B 201 -4.51 -27.43 -29.57
C GLY B 201 -4.93 -26.51 -28.45
N GLN B 202 -5.39 -27.06 -27.32
CA GLN B 202 -5.78 -26.27 -26.15
C GLN B 202 -5.13 -26.92 -24.93
N ASN B 203 -5.80 -26.97 -23.77
CA ASN B 203 -5.23 -27.58 -22.58
C ASN B 203 -5.31 -29.11 -22.60
N PRO B 204 -4.33 -29.79 -22.02
CA PRO B 204 -3.06 -29.19 -21.56
C PRO B 204 -2.15 -28.89 -22.76
N VAL B 205 -1.30 -27.88 -22.60
CA VAL B 205 -0.42 -27.41 -23.69
C VAL B 205 0.94 -28.15 -23.74
N ILE B 206 1.40 -28.67 -22.61
CA ILE B 206 2.59 -29.53 -22.56
C ILE B 206 2.21 -30.82 -21.84
N TYR B 207 2.33 -31.94 -22.55
CA TYR B 207 1.94 -33.26 -22.04
C TYR B 207 2.93 -34.38 -22.34
N GLU B 208 3.67 -34.30 -23.45
CA GLU B 208 4.68 -35.31 -23.76
C GLU B 208 5.90 -35.17 -22.88
N TRP B 209 6.31 -36.29 -22.31
CA TRP B 209 7.57 -36.36 -21.58
C TRP B 209 8.75 -36.17 -22.52
N PRO B 210 9.67 -35.23 -22.22
CA PRO B 210 10.83 -35.04 -23.09
C PRO B 210 11.86 -36.16 -23.05
N GLU B 211 11.89 -36.96 -21.99
CA GLU B 211 12.77 -38.13 -21.90
C GLU B 211 11.95 -39.21 -21.17
N THR B 212 12.36 -40.47 -21.26
CA THR B 212 11.60 -41.56 -20.65
C THR B 212 11.93 -41.70 -19.17
N ASN B 213 11.05 -42.40 -18.44
CA ASN B 213 11.27 -42.77 -17.05
C ASN B 213 11.54 -41.59 -16.11
N LEU B 214 10.71 -40.55 -16.25
CA LEU B 214 10.82 -39.38 -15.41
C LEU B 214 10.41 -39.69 -13.99
N THR B 215 11.14 -39.10 -13.04
CA THR B 215 10.77 -39.11 -11.64
C THR B 215 9.71 -38.04 -11.37
N GLY B 216 9.63 -37.03 -12.23
CA GLY B 216 8.67 -35.93 -12.03
C GLY B 216 8.65 -35.04 -13.25
N PHE B 217 7.59 -34.24 -13.38
CA PHE B 217 7.38 -33.40 -14.57
C PHE B 217 6.42 -32.25 -14.20
N ARG B 218 6.93 -31.29 -13.44
CA ARG B 218 6.07 -30.26 -12.86
C ARG B 218 6.77 -28.95 -12.55
N ASP B 219 5.94 -27.99 -12.13
CA ASP B 219 6.36 -26.70 -11.60
C ASP B 219 6.97 -25.83 -12.71
N PRO B 220 6.20 -25.56 -13.78
CA PRO B 220 6.72 -24.76 -14.88
C PRO B 220 7.03 -23.33 -14.45
N TYR B 221 8.24 -22.90 -14.74
CA TYR B 221 8.71 -21.57 -14.41
C TYR B 221 8.94 -20.82 -15.70
N VAL B 222 8.08 -19.84 -15.97
CA VAL B 222 8.13 -19.07 -17.20
C VAL B 222 8.91 -17.78 -16.95
N PHE B 223 9.80 -17.43 -17.87
CA PHE B 223 10.65 -16.25 -17.72
C PHE B 223 11.13 -15.74 -19.08
N GLN B 224 11.35 -14.43 -19.14
CA GLN B 224 12.02 -13.81 -20.28
C GLN B 224 13.50 -13.76 -19.96
N SER B 225 14.32 -13.77 -21.01
CA SER B 225 15.77 -13.79 -20.86
C SER B 225 16.47 -13.28 -22.12
N PRO B 226 16.76 -11.98 -22.17
CA PRO B 226 17.67 -11.45 -23.21
C PRO B 226 19.00 -12.25 -23.30
N ARG B 227 19.51 -12.70 -22.17
CA ARG B 227 20.70 -13.55 -22.10
C ARG B 227 20.54 -14.82 -22.92
N LEU B 228 19.51 -15.62 -22.63
CA LEU B 228 19.29 -16.86 -23.37
C LEU B 228 18.92 -16.61 -24.83
N GLU B 229 18.16 -15.55 -25.12
CA GLU B 229 17.87 -15.18 -26.51
C GLU B 229 19.16 -14.91 -27.32
N ALA B 230 20.07 -14.13 -26.74
CA ALA B 230 21.36 -13.81 -27.39
C ALA B 230 22.15 -15.08 -27.65
N LEU B 231 22.24 -15.95 -26.66
CA LEU B 231 22.98 -17.21 -26.79
C LEU B 231 22.41 -18.15 -27.83
N LEU B 232 21.09 -18.15 -28.02
CA LEU B 232 20.44 -19.09 -28.95
C LEU B 232 20.18 -18.50 -30.33
N ALA B 233 20.42 -17.20 -30.51
CA ALA B 233 20.08 -16.51 -31.77
C ALA B 233 20.67 -17.16 -33.02
N ASN B 234 21.88 -17.70 -32.93
CA ASN B 234 22.52 -18.36 -34.08
C ASN B 234 22.05 -19.81 -34.32
N THR B 235 21.17 -20.34 -33.47
CA THR B 235 20.68 -21.73 -33.57
C THR B 235 19.18 -21.85 -33.86
N THR B 236 18.47 -20.74 -34.05
CA THR B 236 17.01 -20.79 -34.17
C THR B 236 16.52 -21.44 -35.47
N SER B 237 17.38 -21.53 -36.49
CA SER B 237 17.09 -22.37 -37.68
C SER B 237 16.99 -23.84 -37.36
N ILE B 238 17.72 -24.30 -36.34
CA ILE B 238 17.71 -25.73 -35.98
C ILE B 238 16.38 -26.14 -35.31
N THR B 239 15.89 -25.30 -34.39
CA THR B 239 14.72 -25.62 -33.57
C THR B 239 13.43 -24.93 -34.03
N ASN B 240 13.56 -23.81 -34.75
CA ASN B 240 12.46 -22.90 -35.10
C ASN B 240 11.77 -22.18 -33.93
N ALA B 241 12.32 -22.28 -32.72
CA ALA B 241 11.75 -21.64 -31.55
C ALA B 241 12.34 -20.24 -31.41
N THR B 242 11.51 -19.23 -31.60
CA THR B 242 11.94 -17.83 -31.60
C THR B 242 11.17 -16.93 -30.62
N GLY B 243 10.39 -17.53 -29.72
CA GLY B 243 9.61 -16.75 -28.76
C GLY B 243 10.45 -16.06 -27.71
N ASP B 244 9.86 -15.05 -27.08
CA ASP B 244 10.53 -14.28 -26.02
C ASP B 244 10.33 -14.84 -24.59
N HIS B 245 9.62 -15.95 -24.44
CA HIS B 245 9.47 -16.61 -23.13
C HIS B 245 10.10 -17.98 -23.16
N PHE B 246 10.78 -18.30 -22.07
CA PHE B 246 11.30 -19.64 -21.80
C PHE B 246 10.52 -20.24 -20.65
N ALA B 247 10.57 -21.56 -20.54
CA ALA B 247 9.97 -22.23 -19.40
C ALA B 247 10.81 -23.42 -19.01
N THR B 248 11.13 -23.54 -17.72
CA THR B 248 11.70 -24.78 -17.22
C THR B 248 10.62 -25.66 -16.59
N ILE B 249 10.80 -26.98 -16.70
CA ILE B 249 9.98 -27.95 -15.98
C ILE B 249 10.93 -28.82 -15.14
N SER B 250 10.57 -28.99 -13.86
CA SER B 250 11.40 -29.67 -12.87
C SER B 250 11.10 -31.16 -12.84
N GLY B 251 12.16 -31.96 -12.78
CA GLY B 251 12.00 -33.39 -12.71
C GLY B 251 13.30 -34.13 -12.48
N GLY B 252 13.44 -35.25 -13.18
CA GLY B 252 14.61 -36.13 -13.06
C GLY B 252 14.33 -37.41 -13.82
N VAL B 253 15.29 -38.34 -13.76
CA VAL B 253 15.20 -39.62 -14.47
C VAL B 253 15.51 -40.71 -13.47
N HIS B 254 14.67 -41.76 -13.47
CA HIS B 254 14.76 -42.83 -12.47
C HIS B 254 16.17 -43.42 -12.47
N GLY B 255 16.76 -43.51 -11.28
CA GLY B 255 18.09 -44.05 -11.11
C GLY B 255 19.25 -43.15 -11.47
N ASP B 256 18.99 -42.00 -12.09
CA ASP B 256 20.04 -41.20 -12.72
C ASP B 256 20.03 -39.69 -12.39
N GLY B 257 19.39 -39.33 -11.28
CA GLY B 257 19.43 -37.96 -10.79
C GLY B 257 18.41 -37.00 -11.38
N ALA B 258 18.47 -35.76 -10.88
CA ALA B 258 17.51 -34.72 -11.21
C ALA B 258 17.81 -34.06 -12.56
N ARG B 259 16.78 -33.44 -13.13
CA ARG B 259 16.86 -32.73 -14.40
C ARG B 259 15.97 -31.49 -14.33
N LEU B 260 16.45 -30.40 -14.91
CA LEU B 260 15.63 -29.24 -15.16
C LEU B 260 15.56 -29.11 -16.67
N PHE B 261 14.35 -29.25 -17.22
CA PHE B 261 14.16 -29.28 -18.67
C PHE B 261 13.81 -27.88 -19.17
N LEU B 262 14.43 -27.44 -20.26
CA LEU B 262 14.22 -26.11 -20.81
C LEU B 262 13.37 -26.17 -22.06
N TYR B 263 12.34 -25.33 -22.09
CA TYR B 263 11.47 -25.15 -23.25
C TYR B 263 11.58 -23.70 -23.66
N ARG B 264 11.31 -23.46 -24.93
CA ARG B 264 11.18 -22.11 -25.42
C ARG B 264 9.86 -21.97 -26.15
N GLN B 265 9.16 -20.89 -25.85
CA GLN B 265 7.96 -20.50 -26.57
C GLN B 265 8.30 -20.49 -28.05
N HIS B 266 7.50 -21.18 -28.85
CA HIS B 266 7.82 -21.36 -30.25
C HIS B 266 7.75 -20.05 -31.04
N THR B 267 6.71 -19.27 -30.80
CA THR B 267 6.47 -18.03 -31.52
C THR B 267 5.99 -16.94 -30.56
N THR B 268 6.61 -15.76 -30.65
CA THR B 268 6.23 -14.61 -29.84
C THR B 268 4.75 -14.31 -30.01
N GLY B 269 4.08 -14.02 -28.89
CA GLY B 269 2.65 -13.69 -28.91
C GLY B 269 1.72 -14.87 -28.99
N GLU B 270 2.25 -16.09 -28.99
CA GLU B 270 1.43 -17.31 -29.08
C GLU B 270 1.85 -18.25 -27.97
N PHE B 271 0.87 -18.82 -27.26
CA PHE B 271 1.13 -19.47 -25.96
C PHE B 271 0.79 -20.96 -25.88
N ILE B 272 0.35 -21.54 -26.97
CA ILE B 272 0.02 -22.95 -27.02
C ILE B 272 1.25 -23.82 -27.25
N LYS B 273 2.11 -23.41 -28.18
CA LYS B 273 3.24 -24.23 -28.62
C LYS B 273 4.56 -23.87 -27.89
N TRP B 274 5.08 -24.83 -27.14
CA TRP B 274 6.34 -24.69 -26.42
C TRP B 274 7.26 -25.79 -26.93
N THR B 275 8.47 -25.43 -27.33
CA THR B 275 9.41 -26.36 -27.94
C THR B 275 10.47 -26.78 -26.92
N TYR B 276 10.56 -28.08 -26.67
CA TYR B 276 11.59 -28.62 -25.80
C TYR B 276 12.98 -28.43 -26.44
N LEU B 277 13.89 -27.77 -25.74
CA LEU B 277 15.26 -27.57 -26.25
C LEU B 277 16.18 -28.69 -25.75
N GLY B 278 16.22 -28.90 -24.45
CA GLY B 278 17.09 -29.90 -23.84
C GLY B 278 17.19 -29.72 -22.34
N PRO B 279 17.91 -30.62 -21.66
CA PRO B 279 18.14 -30.47 -20.21
C PRO B 279 19.03 -29.27 -19.92
N LEU B 280 18.59 -28.42 -19.02
CA LEU B 280 19.33 -27.22 -18.64
C LEU B 280 20.30 -27.57 -17.52
N VAL B 281 19.79 -28.25 -16.49
CA VAL B 281 20.61 -28.69 -15.37
C VAL B 281 20.46 -30.19 -15.25
N THR B 282 21.59 -30.86 -15.12
CA THR B 282 21.67 -32.32 -14.97
C THR B 282 22.61 -32.57 -13.82
N THR B 283 22.09 -33.21 -12.77
CA THR B 283 22.90 -33.62 -11.63
C THR B 283 22.75 -35.11 -11.46
N GLY B 284 23.63 -35.69 -10.64
CA GLY B 284 23.71 -37.13 -10.46
C GLY B 284 22.85 -37.60 -9.31
N TYR B 285 22.54 -38.90 -9.32
CA TYR B 285 21.74 -39.55 -8.27
C TYR B 285 22.35 -39.35 -6.89
N LYS B 286 21.68 -38.55 -6.06
CA LYS B 286 22.18 -38.15 -4.73
C LYS B 286 23.60 -37.59 -4.69
N GLU B 287 24.02 -36.96 -5.78
CA GLU B 287 25.27 -36.22 -5.85
C GLU B 287 25.23 -35.04 -4.88
N SER B 288 26.35 -34.76 -4.22
CA SER B 288 26.50 -33.58 -3.38
C SER B 288 27.71 -32.80 -3.84
N TYR B 289 27.57 -31.48 -3.91
CA TYR B 289 28.69 -30.60 -4.26
C TYR B 289 29.56 -30.37 -3.04
N GLY B 290 29.08 -30.68 -1.84
CA GLY B 290 29.87 -30.57 -0.62
C GLY B 290 29.07 -30.08 0.56
N GLU B 291 29.77 -29.88 1.67
CA GLU B 291 29.19 -29.53 2.98
C GLU B 291 28.41 -28.20 2.98
N TRP B 292 28.75 -27.31 2.05
CA TRP B 292 28.13 -25.99 1.93
C TRP B 292 26.96 -25.96 0.94
N SER B 293 26.58 -27.12 0.40
CA SER B 293 25.76 -27.18 -0.81
C SER B 293 24.60 -28.16 -0.77
N GLY B 294 24.28 -28.70 0.39
CA GLY B 294 23.26 -29.73 0.52
C GLY B 294 23.52 -30.93 -0.38
N ASN B 295 22.46 -31.45 -0.99
CA ASN B 295 22.52 -32.65 -1.81
C ASN B 295 21.49 -32.54 -2.92
N TYR B 296 21.87 -32.93 -4.13
CA TYR B 296 21.01 -32.79 -5.29
C TYR B 296 19.90 -33.84 -5.40
N GLY B 297 19.83 -34.79 -4.48
CA GLY B 297 18.75 -35.78 -4.44
C GLY B 297 18.50 -36.52 -5.74
N ILE B 298 17.23 -36.86 -5.98
CA ILE B 298 16.83 -37.67 -7.15
C ILE B 298 15.88 -36.98 -8.12
N ASN B 299 15.39 -35.80 -7.74
CA ASN B 299 14.32 -35.11 -8.46
C ASN B 299 14.29 -33.64 -8.01
N PHE B 300 14.16 -32.73 -8.97
CA PHE B 300 13.99 -31.31 -8.68
C PHE B 300 12.52 -30.94 -8.56
N GLU B 301 12.26 -29.94 -7.72
CA GLU B 301 10.95 -29.33 -7.58
C GLU B 301 11.07 -27.81 -7.50
N THR B 302 10.03 -27.13 -7.96
CA THR B 302 9.89 -25.66 -7.91
C THR B 302 11.14 -24.91 -8.37
N ALA B 303 11.77 -25.36 -9.46
CA ALA B 303 12.99 -24.71 -9.93
C ALA B 303 12.69 -23.44 -10.70
N GLY B 304 13.55 -22.46 -10.54
CA GLY B 304 13.48 -21.19 -11.28
C GLY B 304 14.85 -20.78 -11.81
N VAL B 305 14.83 -19.84 -12.73
CA VAL B 305 16.00 -19.31 -13.41
C VAL B 305 15.94 -17.79 -13.30
N THR B 306 17.06 -17.19 -12.90
CA THR B 306 17.16 -15.73 -12.84
C THR B 306 18.58 -15.26 -13.22
N ARG B 307 18.73 -13.95 -13.29
CA ARG B 307 20.02 -13.32 -13.60
C ARG B 307 20.09 -12.08 -12.73
N LEU B 308 21.17 -11.96 -11.98
CA LEU B 308 21.30 -10.93 -10.96
C LEU B 308 22.61 -10.19 -11.15
N ASN B 309 22.69 -8.99 -10.57
CA ASN B 309 23.95 -8.26 -10.45
C ASN B 309 23.98 -7.67 -9.05
N PRO B 310 25.03 -6.89 -8.70
CA PRO B 310 25.08 -6.46 -7.30
C PRO B 310 23.88 -5.64 -6.80
N ALA B 311 23.17 -4.96 -7.70
CA ALA B 311 22.00 -4.14 -7.32
C ALA B 311 20.67 -4.92 -7.25
N GLY B 312 20.58 -6.07 -7.87
CA GLY B 312 19.32 -6.82 -7.91
C GLY B 312 19.21 -7.64 -9.17
N ALA B 313 18.08 -7.51 -9.87
CA ALA B 313 17.83 -8.25 -11.10
C ALA B 313 18.59 -7.60 -12.25
N ALA B 314 19.12 -8.43 -13.15
CA ALA B 314 19.86 -7.99 -14.33
C ALA B 314 19.14 -8.46 -15.57
N TRP B 315 18.84 -7.54 -16.47
CA TRP B 315 18.12 -7.85 -17.71
C TRP B 315 18.96 -7.65 -18.99
N ASP B 316 20.27 -7.69 -18.84
CA ASP B 316 21.19 -7.53 -19.98
C ASP B 316 21.31 -8.83 -20.76
N ASN B 317 21.88 -8.75 -21.96
CA ASN B 317 22.06 -9.90 -22.85
C ASN B 317 23.37 -10.71 -22.64
N GLY B 318 24.12 -10.39 -21.60
CA GLY B 318 25.48 -10.90 -21.43
C GLY B 318 26.51 -9.79 -21.27
N SER B 319 26.18 -8.59 -21.75
CA SER B 319 27.09 -7.43 -21.72
C SER B 319 27.49 -6.93 -20.33
N ASP B 320 26.66 -7.13 -19.31
CA ASP B 320 27.00 -6.73 -17.94
C ASP B 320 27.92 -7.79 -17.34
N THR B 321 29.19 -7.42 -17.17
CA THR B 321 30.21 -8.33 -16.63
C THR B 321 30.05 -8.55 -15.14
N THR B 322 29.26 -7.71 -14.45
CA THR B 322 28.96 -7.94 -13.02
C THR B 322 27.78 -8.89 -12.79
N ALA B 323 27.08 -9.28 -13.85
CA ALA B 323 25.87 -10.10 -13.70
C ALA B 323 26.21 -11.60 -13.68
N VAL B 324 25.42 -12.37 -12.94
CA VAL B 324 25.62 -13.80 -12.77
C VAL B 324 24.29 -14.51 -13.01
N ASP B 325 24.33 -15.63 -13.73
CA ASP B 325 23.16 -16.47 -13.95
C ASP B 325 22.98 -17.46 -12.80
N PHE B 326 21.75 -17.55 -12.29
CA PHE B 326 21.44 -18.42 -11.15
C PHE B 326 20.24 -19.30 -11.46
N VAL B 327 20.28 -20.51 -10.89
CA VAL B 327 19.13 -21.40 -10.83
C VAL B 327 18.84 -21.66 -9.37
N THR B 328 17.55 -21.62 -9.00
CA THR B 328 17.11 -22.02 -7.66
C THR B 328 16.27 -23.26 -7.86
N PHE B 329 16.31 -24.20 -6.91
CA PHE B 329 15.62 -25.46 -7.05
C PHE B 329 15.56 -26.20 -5.73
N GLY B 330 14.45 -26.90 -5.51
CA GLY B 330 14.33 -27.85 -4.42
C GLY B 330 14.78 -29.22 -4.91
N THR B 331 15.32 -30.01 -4.00
CA THR B 331 15.66 -31.41 -4.31
C THR B 331 15.00 -32.29 -3.28
N GLU B 332 14.67 -33.51 -3.69
CA GLU B 332 14.11 -34.48 -2.76
C GLU B 332 14.89 -35.80 -2.71
N GLN B 333 14.78 -36.45 -1.56
CA GLN B 333 15.40 -37.74 -1.24
C GLN B 333 16.93 -37.71 -1.15
N GLY B 334 17.51 -36.52 -0.91
CA GLY B 334 18.94 -36.37 -0.65
C GLY B 334 19.22 -35.90 0.76
N ARG B 335 18.28 -36.12 1.68
CA ARG B 335 18.40 -35.59 3.02
C ARG B 335 17.67 -36.55 3.97
N ALA B 336 18.27 -36.78 5.13
CA ALA B 336 17.73 -37.74 6.11
C ALA B 336 16.58 -37.16 6.93
N ASP B 337 16.48 -35.84 6.99
CA ASP B 337 15.44 -35.18 7.80
C ASP B 337 14.91 -33.98 7.00
N HIS B 338 14.18 -33.06 7.64
CA HIS B 338 13.59 -31.91 6.94
C HIS B 338 12.74 -32.37 5.75
N GLN B 339 11.94 -33.40 5.99
CA GLN B 339 11.02 -33.98 4.99
C GLN B 339 11.74 -34.38 3.70
N ASN B 340 13.00 -34.80 3.86
CA ASN B 340 13.88 -35.18 2.75
C ASN B 340 14.15 -34.11 1.70
N HIS B 341 14.05 -32.83 2.11
CA HIS B 341 14.01 -31.70 1.17
C HIS B 341 15.09 -30.64 1.39
N TRP B 342 15.82 -30.29 0.33
CA TRP B 342 16.80 -29.19 0.34
C TRP B 342 16.32 -28.10 -0.61
N PRO B 343 16.19 -26.84 -0.13
CA PRO B 343 16.05 -25.72 -1.05
C PRO B 343 17.41 -25.11 -1.38
N LEU B 344 17.84 -25.28 -2.64
CA LEU B 344 19.17 -24.97 -3.08
C LEU B 344 19.20 -23.88 -4.14
N TRP B 345 20.41 -23.42 -4.44
CA TRP B 345 20.65 -22.54 -5.57
C TRP B 345 22.02 -22.83 -6.15
N ALA B 346 22.23 -22.45 -7.41
CA ALA B 346 23.52 -22.60 -8.05
C ALA B 346 23.76 -21.45 -9.00
N ALA B 347 24.99 -20.96 -9.01
CA ALA B 347 25.46 -20.03 -10.03
C ALA B 347 25.89 -20.90 -11.21
N VAL B 348 25.55 -20.50 -12.43
CA VAL B 348 25.79 -21.34 -13.59
C VAL B 348 26.41 -20.56 -14.73
N ASP B 349 27.16 -21.26 -15.58
CA ASP B 349 27.69 -20.70 -16.82
C ASP B 349 27.04 -21.40 -17.98
N TYR B 350 26.35 -20.66 -18.84
CA TYR B 350 25.60 -21.27 -19.93
C TYR B 350 26.52 -21.62 -21.10
N GLU B 351 26.37 -22.82 -21.65
CA GLU B 351 27.02 -23.26 -22.89
C GLU B 351 25.94 -23.65 -23.89
N VAL B 352 26.14 -23.29 -25.16
CA VAL B 352 25.19 -23.61 -26.22
C VAL B 352 25.57 -24.94 -26.85
N ARG B 353 24.64 -25.89 -26.87
CA ARG B 353 24.83 -27.18 -27.54
C ARG B 353 24.57 -27.06 -29.04
N ASP B 354 25.10 -28.04 -29.78
CA ASP B 354 24.96 -28.07 -31.24
C ASP B 354 23.51 -28.17 -31.72
N ASN B 355 22.66 -28.84 -30.95
CA ASN B 355 21.24 -28.94 -31.31
C ASN B 355 20.38 -27.72 -30.94
N GLY B 356 20.99 -26.62 -30.50
CA GLY B 356 20.26 -25.39 -30.21
C GLY B 356 19.61 -25.39 -28.84
N SER B 357 20.29 -26.00 -27.87
CA SER B 357 19.85 -26.04 -26.49
C SER B 357 20.95 -25.47 -25.61
N ILE B 358 20.70 -25.39 -24.30
CA ILE B 358 21.61 -24.76 -23.35
C ILE B 358 21.94 -25.73 -22.24
N GLU B 359 23.23 -25.85 -21.93
CA GLU B 359 23.69 -26.55 -20.73
C GLU B 359 24.11 -25.51 -19.71
N ALA B 360 23.52 -25.57 -18.53
CA ALA B 360 23.90 -24.70 -17.42
C ALA B 360 24.90 -25.45 -16.56
N VAL B 361 26.17 -25.07 -16.66
CA VAL B 361 27.25 -25.74 -15.92
C VAL B 361 27.38 -25.08 -14.57
N ILE B 362 27.25 -25.85 -13.50
CA ILE B 362 27.28 -25.30 -12.15
C ILE B 362 28.70 -24.80 -11.80
N ALA B 363 28.80 -23.50 -11.49
CA ALA B 363 30.07 -22.84 -11.12
C ALA B 363 30.30 -22.84 -9.62
N TYR B 364 29.24 -22.62 -8.85
CA TYR B 364 29.23 -22.86 -7.41
C TYR B 364 27.79 -23.05 -6.96
N SER B 365 27.59 -23.60 -5.78
CA SER B 365 26.29 -24.14 -5.42
C SER B 365 26.06 -23.99 -3.93
N GLY B 366 24.91 -23.43 -3.57
CA GLY B 366 24.58 -23.14 -2.19
C GLY B 366 23.18 -23.56 -1.78
N VAL B 367 22.79 -23.05 -0.61
CA VAL B 367 21.57 -23.40 0.06
C VAL B 367 20.80 -22.10 0.27
N GLN B 368 19.53 -22.10 -0.11
CA GLN B 368 18.71 -20.89 0.01
C GLN B 368 18.21 -20.68 1.44
N ASP B 369 17.93 -21.78 2.15
CA ASP B 369 17.55 -21.74 3.56
C ASP B 369 17.89 -23.11 4.16
N TRP B 370 18.47 -23.11 5.37
CA TRP B 370 19.00 -24.33 5.99
C TRP B 370 18.01 -25.03 6.93
N GLY B 371 16.83 -24.45 7.14
CA GLY B 371 15.87 -24.98 8.08
C GLY B 371 14.63 -25.60 7.43
N ARG B 372 13.53 -25.51 8.17
CA ARG B 372 12.26 -26.14 7.77
C ARG B 372 11.49 -25.29 6.76
N SER B 373 12.10 -25.05 5.60
CA SER B 373 11.47 -24.33 4.51
C SER B 373 11.84 -24.96 3.19
N TYR B 374 11.00 -24.71 2.18
CA TYR B 374 11.11 -25.34 0.89
C TYR B 374 10.22 -24.59 -0.11
N ALA B 375 10.35 -24.94 -1.39
CA ALA B 375 9.46 -24.49 -2.43
C ALA B 375 9.59 -22.99 -2.65
N TYR B 376 10.84 -22.54 -2.76
CA TYR B 376 11.12 -21.13 -3.03
C TYR B 376 10.75 -20.78 -4.46
N ALA B 377 10.02 -19.67 -4.61
CA ALA B 377 9.70 -19.09 -5.89
C ALA B 377 10.28 -17.68 -5.95
N SER B 378 10.73 -17.25 -7.14
CA SER B 378 11.20 -15.89 -7.32
C SER B 378 10.49 -15.25 -8.51
N PHE B 379 10.36 -13.94 -8.46
CA PHE B 379 9.63 -13.19 -9.48
C PHE B 379 10.16 -11.76 -9.61
N PRO B 380 10.05 -11.19 -10.80
CA PRO B 380 10.56 -9.84 -11.01
C PRO B 380 9.66 -8.76 -10.42
N VAL B 381 10.29 -7.73 -9.87
CA VAL B 381 9.61 -6.59 -9.27
C VAL B 381 10.23 -5.30 -9.83
N GLU B 382 9.39 -4.30 -10.06
CA GLU B 382 9.78 -2.98 -10.59
C GLU B 382 11.01 -2.45 -9.86
N GLY B 383 11.89 -1.78 -10.60
CA GLY B 383 13.13 -1.21 -10.03
C GLY B 383 14.28 -2.20 -10.02
N TYR B 384 14.28 -3.12 -11.00
CA TYR B 384 15.35 -4.08 -11.19
C TYR B 384 15.55 -4.98 -9.95
N ARG B 385 14.46 -5.57 -9.48
CA ARG B 385 14.49 -6.47 -8.33
C ARG B 385 14.03 -7.84 -8.73
N GLN B 386 14.57 -8.85 -8.05
CA GLN B 386 14.06 -10.22 -8.11
C GLN B 386 13.79 -10.61 -6.67
N VAL B 387 12.54 -10.98 -6.38
CA VAL B 387 12.09 -11.24 -5.02
C VAL B 387 11.75 -12.71 -4.87
N SER B 388 12.19 -13.30 -3.77
CA SER B 388 12.05 -14.72 -3.53
C SER B 388 11.28 -14.93 -2.23
N VAL B 389 10.44 -15.96 -2.21
CA VAL B 389 9.69 -16.33 -1.01
C VAL B 389 9.49 -17.83 -1.02
N GLY B 390 9.46 -18.43 0.16
CA GLY B 390 9.25 -19.87 0.30
C GLY B 390 8.20 -20.23 1.31
N TRP B 391 8.09 -21.52 1.59
CA TRP B 391 7.09 -22.08 2.51
C TRP B 391 7.79 -22.65 3.73
N ILE B 392 7.35 -22.24 4.91
CA ILE B 392 7.83 -22.81 6.17
C ILE B 392 6.79 -23.83 6.64
N TYR B 393 7.18 -25.09 6.67
CA TYR B 393 6.30 -26.15 7.21
C TYR B 393 6.36 -26.15 8.74
N GLU B 394 5.40 -26.85 9.35
CA GLU B 394 5.36 -26.98 10.82
C GLU B 394 6.43 -28.01 11.25
N ASP B 395 6.59 -28.19 12.57
CA ASP B 395 7.45 -29.26 13.08
C ASP B 395 6.61 -30.23 13.92
N ASP B 396 5.64 -30.84 13.23
CA ASP B 396 4.71 -31.80 13.80
C ASP B 396 4.51 -32.89 12.76
N ASP B 397 5.59 -33.54 12.34
CA ASP B 397 5.53 -34.47 11.22
C ASP B 397 4.70 -35.73 11.43
N ASN B 398 4.43 -36.10 12.69
CA ASN B 398 3.47 -37.17 13.01
C ASN B 398 2.01 -36.72 13.11
N VAL B 399 1.73 -35.44 12.84
CA VAL B 399 0.37 -34.93 12.75
C VAL B 399 -0.40 -35.12 14.08
N ILE B 400 0.28 -34.81 15.19
CA ILE B 400 -0.25 -35.05 16.52
C ILE B 400 -1.19 -33.92 16.96
N LEU B 401 -0.83 -32.66 16.67
CA LEU B 401 -1.65 -31.51 17.08
C LEU B 401 -2.19 -30.66 15.90
N ALA B 402 -2.09 -31.18 14.67
CA ALA B 402 -2.49 -30.44 13.47
C ALA B 402 -3.96 -30.05 13.51
N LYS B 403 -4.83 -30.98 13.87
CA LYS B 403 -6.27 -30.69 13.96
C LYS B 403 -6.58 -29.67 15.04
N GLN B 404 -5.85 -29.75 16.15
CA GLN B 404 -5.99 -28.78 17.23
C GLN B 404 -5.55 -27.37 16.77
N PHE B 405 -4.50 -27.29 15.98
CA PHE B 405 -4.10 -26.00 15.33
C PHE B 405 -5.24 -25.50 14.43
N GLY B 406 -5.75 -26.38 13.56
CA GLY B 406 -6.73 -25.98 12.55
C GLY B 406 -6.11 -25.36 11.30
N TYR B 407 -4.79 -25.46 11.18
CA TYR B 407 -4.04 -24.94 10.03
C TYR B 407 -2.66 -25.58 10.04
N GLN B 408 -1.99 -25.55 8.89
CA GLN B 408 -0.59 -25.93 8.75
C GLN B 408 0.09 -25.02 7.74
N GLY B 409 1.24 -24.45 8.13
CA GLY B 409 2.14 -23.77 7.18
C GLY B 409 2.06 -22.26 7.20
N ALA B 410 3.13 -21.63 6.75
CA ALA B 410 3.20 -20.19 6.48
C ALA B 410 4.24 -19.94 5.40
N PHE B 411 4.34 -18.70 4.93
CA PHE B 411 5.45 -18.30 4.06
C PHE B 411 6.65 -17.90 4.92
N THR B 412 7.81 -17.86 4.26
CA THR B 412 8.95 -17.09 4.75
C THR B 412 8.65 -15.60 4.59
N LEU B 413 9.58 -14.76 4.98
CA LEU B 413 9.53 -13.37 4.57
C LEU B 413 9.93 -13.30 3.08
N PHE B 414 9.56 -12.19 2.45
CA PHE B 414 9.93 -11.94 1.06
C PHE B 414 11.35 -11.39 1.04
N ARG B 415 12.15 -11.88 0.11
CA ARG B 415 13.59 -11.60 0.12
C ARG B 415 14.04 -11.02 -1.21
N ASP B 416 14.74 -9.89 -1.18
CA ASP B 416 15.44 -9.42 -2.37
C ASP B 416 16.66 -10.29 -2.63
N LEU B 417 16.80 -10.75 -3.87
CA LEU B 417 17.99 -11.43 -4.33
C LEU B 417 18.89 -10.45 -5.05
N PHE B 418 20.20 -10.65 -4.92
CA PHE B 418 21.23 -9.82 -5.57
C PHE B 418 22.56 -10.58 -5.53
N VAL B 419 23.55 -10.10 -6.27
CA VAL B 419 24.90 -10.68 -6.21
C VAL B 419 25.62 -10.01 -5.04
N LYS B 420 25.92 -10.77 -4.00
CA LYS B 420 26.69 -10.25 -2.88
C LYS B 420 28.18 -10.28 -3.27
N VAL B 421 28.82 -9.11 -3.20
CA VAL B 421 30.25 -8.94 -3.49
C VAL B 421 30.97 -8.46 -2.24
N VAL B 422 32.00 -9.21 -1.81
CA VAL B 422 32.82 -8.81 -0.67
C VAL B 422 34.23 -8.52 -1.20
N GLU B 423 34.68 -7.28 -1.04
CA GLU B 423 35.99 -6.88 -1.55
C GLU B 423 37.03 -6.97 -0.46
N ASN B 424 38.28 -7.05 -0.89
CA ASN B 424 39.45 -7.04 0.01
C ASN B 424 39.42 -8.13 1.05
N VAL B 425 39.07 -9.34 0.61
CA VAL B 425 39.04 -10.48 1.51
C VAL B 425 40.47 -11.01 1.66
N SER B 426 40.84 -11.31 2.90
CA SER B 426 42.14 -11.91 3.22
C SER B 426 42.23 -13.34 2.67
N PRO B 427 43.32 -13.65 1.94
CA PRO B 427 43.62 -15.03 1.51
C PRO B 427 43.78 -16.04 2.64
N SER B 428 44.02 -15.58 3.86
CA SER B 428 44.10 -16.48 5.00
C SER B 428 42.76 -16.82 5.63
N THR B 429 41.65 -16.35 5.06
CA THR B 429 40.33 -16.78 5.52
C THR B 429 40.29 -18.31 5.42
N PRO B 430 40.05 -19.02 6.54
CA PRO B 430 40.03 -20.49 6.48
C PRO B 430 39.01 -21.04 5.47
N GLY B 431 39.43 -22.02 4.69
CA GLY B 431 38.56 -22.70 3.73
C GLY B 431 38.08 -21.87 2.55
N LEU B 432 38.70 -20.72 2.31
CA LEU B 432 38.21 -19.79 1.29
C LEU B 432 38.20 -20.40 -0.11
N PHE B 433 39.18 -21.28 -0.39
CA PHE B 433 39.37 -21.81 -1.75
C PHE B 433 38.79 -23.24 -1.94
N GLU B 434 38.06 -23.73 -0.94
CA GLU B 434 37.25 -24.96 -1.03
C GLU B 434 36.08 -24.85 -2.00
N GLN B 435 35.62 -26.02 -2.49
CA GLN B 435 34.48 -26.09 -3.40
C GLN B 435 33.23 -25.90 -2.56
N ALA B 436 32.53 -24.80 -2.78
CA ALA B 436 31.50 -24.40 -1.87
C ALA B 436 30.54 -23.44 -2.60
N SER B 437 30.05 -22.40 -1.91
CA SER B 437 28.91 -21.61 -2.37
C SER B 437 29.27 -20.17 -2.73
N TRP B 438 30.49 -19.96 -3.23
CA TRP B 438 30.96 -18.63 -3.65
C TRP B 438 32.07 -18.81 -4.67
N SER B 439 32.40 -17.74 -5.39
CA SER B 439 33.58 -17.71 -6.28
C SER B 439 34.58 -16.69 -5.71
N THR B 440 35.84 -16.91 -6.07
CA THR B 440 36.96 -16.08 -5.65
C THR B 440 37.69 -15.60 -6.88
N LYS B 441 38.06 -14.33 -6.87
CA LYS B 441 38.91 -13.74 -7.89
C LYS B 441 40.09 -13.07 -7.17
N ASN B 442 41.29 -13.61 -7.39
CA ASN B 442 42.51 -13.04 -6.80
C ASN B 442 42.86 -11.70 -7.41
N SER B 443 43.38 -10.79 -6.59
CA SER B 443 44.02 -9.58 -7.12
C SER B 443 45.29 -9.96 -7.88
N THR B 444 45.75 -9.08 -8.76
CA THR B 444 47.02 -9.30 -9.49
C THR B 444 48.20 -9.65 -8.57
N ASP B 445 48.33 -8.92 -7.46
CA ASP B 445 49.43 -9.15 -6.51
C ASP B 445 49.22 -10.32 -5.54
N GLY B 446 48.04 -10.96 -5.57
CA GLY B 446 47.75 -12.12 -4.74
C GLY B 446 47.51 -11.86 -3.26
N MET B 447 47.48 -10.61 -2.83
CA MET B 447 47.34 -10.24 -1.42
C MET B 447 45.88 -10.08 -0.99
N SER B 448 44.95 -10.04 -1.94
CA SER B 448 43.53 -9.94 -1.62
C SER B 448 42.66 -10.68 -2.63
N VAL B 449 41.43 -10.96 -2.19
CA VAL B 449 40.46 -11.71 -2.99
C VAL B 449 39.12 -10.96 -3.03
N THR B 450 38.46 -10.98 -4.19
CA THR B 450 37.06 -10.57 -4.31
C THR B 450 36.19 -11.83 -4.25
N VAL B 451 35.26 -11.86 -3.29
CA VAL B 451 34.32 -12.96 -3.13
C VAL B 451 32.95 -12.56 -3.74
N THR B 452 32.37 -13.48 -4.51
CA THR B 452 31.04 -13.32 -5.08
C THR B 452 30.16 -14.50 -4.67
N THR B 453 28.94 -14.20 -4.21
CA THR B 453 27.95 -15.23 -3.89
C THR B 453 26.50 -14.69 -4.07
N LEU B 454 25.51 -15.52 -3.79
CA LEU B 454 24.12 -15.09 -3.81
C LEU B 454 23.84 -14.31 -2.53
N GLY B 455 23.34 -13.10 -2.68
CA GLY B 455 22.85 -12.33 -1.54
C GLY B 455 21.34 -12.49 -1.39
N GLN B 456 20.88 -12.49 -0.14
CA GLN B 456 19.48 -12.52 0.21
C GLN B 456 19.26 -11.55 1.35
N ARG B 457 18.28 -10.66 1.23
CA ARG B 457 17.90 -9.81 2.36
C ARG B 457 16.40 -9.58 2.33
N VAL B 458 15.83 -9.39 3.52
CA VAL B 458 14.40 -9.17 3.65
C VAL B 458 14.09 -7.88 2.91
N VAL B 459 13.02 -7.89 2.12
CA VAL B 459 12.63 -6.69 1.38
C VAL B 459 12.50 -5.48 2.31
N PRO B 460 13.03 -4.32 1.88
CA PRO B 460 13.07 -3.15 2.78
C PRO B 460 11.68 -2.62 3.20
N GLU B 461 10.67 -2.85 2.38
CA GLU B 461 9.30 -2.48 2.74
C GLU B 461 8.87 -3.15 4.05
N THR B 462 9.23 -4.42 4.21
CA THR B 462 8.88 -5.19 5.41
C THR B 462 9.71 -4.71 6.61
N LEU B 463 11.01 -4.50 6.41
CA LEU B 463 11.87 -4.02 7.53
C LEU B 463 11.39 -2.66 8.03
N ALA B 464 11.04 -1.75 7.12
CA ALA B 464 10.55 -0.43 7.48
C ALA B 464 9.21 -0.49 8.21
N ALA B 465 8.28 -1.29 7.69
CA ALA B 465 6.98 -1.45 8.32
C ALA B 465 7.10 -2.08 9.71
N TYR B 466 7.89 -3.15 9.80
CA TYR B 466 8.14 -3.82 11.09
C TYR B 466 8.68 -2.86 12.14
N LYS B 467 9.76 -2.17 11.80
CA LYS B 467 10.40 -1.25 12.73
C LYS B 467 9.44 -0.11 13.13
N GLY B 468 8.78 0.50 12.15
CA GLY B 468 7.91 1.64 12.40
C GLY B 468 6.65 1.34 13.20
N ASN B 469 6.14 0.12 13.10
CA ASN B 469 4.99 -0.32 13.90
C ASN B 469 5.37 -0.93 15.25
N SER B 470 6.65 -1.22 15.47
CA SER B 470 7.11 -1.83 16.72
C SER B 470 7.47 -0.78 17.79
N THR B 471 7.48 -1.20 19.04
CA THR B 471 8.19 -0.48 20.10
C THR B 471 9.65 -0.87 19.99
N VAL B 472 10.48 0.08 19.58
CA VAL B 472 11.88 -0.17 19.30
C VAL B 472 12.71 0.19 20.54
N SER B 473 13.57 -0.74 20.97
CA SER B 473 14.54 -0.49 22.04
C SER B 473 15.92 -0.64 21.45
N THR B 474 16.66 0.47 21.40
CA THR B 474 18.04 0.47 20.97
C THR B 474 18.86 0.14 22.21
N LEU B 475 19.62 -0.95 22.17
CA LEU B 475 20.29 -1.48 23.34
C LEU B 475 21.77 -1.13 23.33
N ALA B 476 22.33 -0.91 24.52
CA ALA B 476 23.74 -0.54 24.65
C ALA B 476 24.60 -1.71 24.19
N PRO B 477 25.75 -1.44 23.54
CA PRO B 477 26.64 -2.55 23.20
C PRO B 477 27.12 -3.31 24.44
N VAL B 478 27.46 -4.59 24.24
CA VAL B 478 27.80 -5.49 25.33
C VAL B 478 29.08 -6.20 24.94
N MET B 479 30.10 -6.13 25.81
CA MET B 479 31.32 -6.93 25.67
C MET B 479 31.10 -8.21 26.43
N LEU B 480 31.19 -9.33 25.73
CA LEU B 480 31.06 -10.65 26.36
C LEU B 480 32.47 -11.15 26.64
N ASN B 481 32.80 -11.23 27.94
CA ASN B 481 34.15 -11.60 28.40
C ASN B 481 34.03 -12.58 29.59
N GLU B 482 35.02 -12.62 30.48
CA GLU B 482 34.99 -13.50 31.66
C GLU B 482 33.78 -13.30 32.57
N SER B 483 33.24 -12.09 32.60
CA SER B 483 32.08 -11.78 33.45
C SER B 483 30.71 -12.18 32.85
N ALA B 484 30.66 -12.61 31.59
CA ALA B 484 29.39 -12.89 30.90
C ALA B 484 28.72 -14.14 31.44
N ALA B 485 27.45 -14.04 31.80
CA ALA B 485 26.65 -15.24 32.11
C ALA B 485 26.38 -16.06 30.84
N ALA B 486 25.86 -17.27 31.00
CA ALA B 486 25.51 -18.11 29.85
C ALA B 486 24.43 -17.41 29.03
N TYR B 487 23.41 -16.91 29.73
CA TYR B 487 22.31 -16.16 29.17
C TYR B 487 22.17 -14.83 29.90
N THR B 488 22.14 -13.74 29.13
CA THR B 488 21.97 -12.39 29.65
C THR B 488 20.73 -11.76 28.98
N PRO B 489 19.59 -11.72 29.69
CA PRO B 489 18.39 -11.04 29.16
C PRO B 489 18.68 -9.61 28.71
N PHE B 490 18.04 -9.18 27.62
CA PHE B 490 18.16 -7.79 27.19
C PHE B 490 17.57 -6.87 28.23
N SER B 491 18.09 -5.64 28.27
CA SER B 491 17.59 -4.63 29.20
C SER B 491 16.13 -4.25 28.96
N SER B 492 15.67 -4.38 27.71
CA SER B 492 14.23 -4.34 27.39
C SER B 492 13.81 -5.72 26.87
N GLN B 493 12.59 -6.12 27.21
CA GLN B 493 12.07 -7.45 26.86
C GLN B 493 10.88 -7.36 25.91
N PRO B 494 10.69 -8.40 25.07
CA PRO B 494 9.44 -8.47 24.30
C PRO B 494 8.21 -8.60 25.20
N THR B 495 7.05 -8.28 24.66
CA THR B 495 5.77 -8.42 25.37
C THR B 495 4.91 -9.56 24.85
N ASP B 496 5.33 -10.21 23.77
CA ASP B 496 4.55 -11.29 23.14
C ASP B 496 5.51 -12.04 22.18
N ARG B 497 4.97 -12.93 21.34
CA ARG B 497 5.79 -13.76 20.45
C ARG B 497 6.01 -13.18 19.05
N PHE B 498 6.06 -11.84 18.95
CA PHE B 498 6.15 -11.15 17.67
C PHE B 498 7.18 -10.06 17.84
N TYR B 499 8.41 -10.39 17.45
CA TYR B 499 9.49 -9.45 17.57
C TYR B 499 10.67 -9.75 16.69
N ALA B 500 11.52 -8.74 16.49
CA ALA B 500 12.77 -8.88 15.74
C ALA B 500 13.94 -8.46 16.62
N LEU B 501 15.08 -9.11 16.38
CA LEU B 501 16.33 -8.78 17.05
C LEU B 501 17.36 -8.56 15.99
N THR B 502 18.26 -7.61 16.24
CA THR B 502 19.42 -7.44 15.39
C THR B 502 20.68 -7.26 16.26
N GLY B 503 21.82 -7.72 15.76
CA GLY B 503 23.09 -7.56 16.47
C GLY B 503 24.26 -7.86 15.56
N SER B 504 25.39 -7.19 15.82
CA SER B 504 26.68 -7.48 15.17
C SER B 504 27.62 -8.05 16.20
N PHE B 505 28.09 -9.26 15.95
CA PHE B 505 28.95 -10.00 16.86
C PHE B 505 30.36 -9.95 16.29
N GLU B 506 31.26 -9.29 17.01
CA GLU B 506 32.66 -9.16 16.58
C GLU B 506 33.52 -10.17 17.31
N PHE B 507 34.16 -11.05 16.54
CA PHE B 507 34.97 -12.16 17.06
C PHE B 507 36.43 -11.95 16.70
N GLY B 508 37.33 -12.40 17.58
CA GLY B 508 38.75 -12.51 17.22
C GLY B 508 38.95 -13.55 16.13
N LEU B 509 39.99 -13.37 15.31
CA LEU B 509 40.26 -14.30 14.21
C LEU B 509 40.55 -15.75 14.62
N ASN B 510 41.00 -15.99 15.84
CA ASN B 510 41.26 -17.36 16.31
C ASN B 510 40.41 -17.68 17.53
N THR B 511 39.23 -17.07 17.62
CA THR B 511 38.34 -17.32 18.74
C THR B 511 37.92 -18.79 18.81
N THR B 512 37.62 -19.25 20.02
CA THR B 512 36.90 -20.48 20.23
C THR B 512 35.66 -20.21 21.08
N ALA B 513 35.28 -18.93 21.21
CA ALA B 513 34.08 -18.57 21.94
C ALA B 513 32.86 -18.76 21.02
N LYS B 514 31.70 -18.91 21.65
CA LYS B 514 30.42 -18.93 20.93
C LYS B 514 29.56 -17.82 21.49
N ALA B 515 28.71 -17.25 20.63
CA ALA B 515 27.72 -16.30 21.06
C ALA B 515 26.50 -16.30 20.13
N GLY B 516 25.41 -15.73 20.64
CA GLY B 516 24.19 -15.61 19.87
C GLY B 516 23.04 -15.07 20.66
N PHE B 517 21.84 -15.52 20.32
CA PHE B 517 20.61 -15.02 20.88
C PHE B 517 19.78 -16.17 21.41
N ARG B 518 19.20 -15.98 22.60
CA ARG B 518 18.14 -16.85 23.10
C ARG B 518 16.81 -16.14 22.91
N VAL B 519 15.78 -16.88 22.47
CA VAL B 519 14.45 -16.31 22.17
C VAL B 519 13.35 -17.21 22.71
N LEU B 520 12.14 -16.68 22.76
CA LEU B 520 10.96 -17.39 23.27
C LEU B 520 11.28 -18.08 24.60
N ALA B 521 11.83 -17.28 25.53
CA ALA B 521 12.48 -17.76 26.73
C ALA B 521 11.72 -17.41 28.01
N SER B 522 11.47 -18.43 28.82
CA SER B 522 11.20 -18.28 30.24
C SER B 522 12.26 -19.15 30.94
N GLU B 523 12.12 -19.37 32.24
CA GLU B 523 13.01 -20.27 32.96
C GLU B 523 12.95 -21.71 32.44
N GLU B 524 11.76 -22.16 32.06
CA GLU B 524 11.56 -23.57 31.67
C GLU B 524 11.57 -23.88 30.17
N GLU B 525 11.33 -22.89 29.31
CA GLU B 525 11.36 -23.09 27.85
C GLU B 525 12.19 -21.99 27.21
N TYR B 526 12.99 -22.36 26.22
CA TYR B 526 13.77 -21.37 25.48
C TYR B 526 14.37 -22.01 24.26
N THR B 527 14.75 -21.17 23.30
CA THR B 527 15.37 -21.60 22.06
C THR B 527 16.66 -20.82 21.89
N ASP B 528 17.76 -21.53 21.63
CA ASP B 528 19.08 -20.93 21.63
C ASP B 528 19.64 -20.91 20.23
N ILE B 529 20.04 -19.73 19.78
CA ILE B 529 20.63 -19.53 18.47
C ILE B 529 22.09 -19.19 18.70
N TRP B 530 22.98 -20.10 18.29
CA TRP B 530 24.42 -19.99 18.56
C TRP B 530 25.16 -19.84 17.26
N PHE B 531 26.20 -19.01 17.25
CA PHE B 531 27.21 -19.13 16.21
C PHE B 531 28.56 -19.47 16.84
N ASP B 532 29.28 -20.37 16.17
CA ASP B 532 30.53 -20.97 16.67
C ASP B 532 31.53 -20.79 15.55
N PRO B 533 32.25 -19.66 15.54
CA PRO B 533 33.17 -19.39 14.42
C PRO B 533 34.22 -20.47 14.17
N ALA B 534 34.68 -21.15 15.22
CA ALA B 534 35.70 -22.20 15.06
C ALA B 534 35.21 -23.34 14.14
N SER B 535 33.96 -23.77 14.31
CA SER B 535 33.36 -24.79 13.43
C SER B 535 32.61 -24.22 12.21
N GLU B 536 32.36 -22.91 12.21
CA GLU B 536 31.61 -22.21 11.16
C GLU B 536 30.14 -22.63 11.12
N ASN B 537 29.60 -23.02 12.26
CA ASN B 537 28.26 -23.53 12.35
C ASN B 537 27.39 -22.54 13.11
N LEU B 538 26.28 -22.16 12.46
CA LEU B 538 25.16 -21.48 13.11
C LEU B 538 24.16 -22.56 13.48
N THR B 539 23.82 -22.67 14.76
CA THR B 539 22.86 -23.69 15.19
C THR B 539 21.66 -23.09 15.91
N VAL B 540 20.56 -23.83 15.88
CA VAL B 540 19.41 -23.54 16.72
C VAL B 540 19.13 -24.79 17.54
N VAL B 541 19.35 -24.67 18.84
CA VAL B 541 19.22 -25.76 19.76
C VAL B 541 17.84 -25.68 20.34
N ARG B 542 17.08 -26.76 20.20
CA ARG B 542 15.66 -26.76 20.51
C ARG B 542 15.25 -27.80 21.54
N THR B 543 16.23 -28.32 22.29
CA THR B 543 15.97 -29.34 23.32
C THR B 543 15.06 -28.84 24.43
N ALA B 544 15.09 -27.54 24.71
CA ALA B 544 14.18 -26.94 25.68
C ALA B 544 13.12 -25.98 25.07
N SER B 545 12.94 -26.00 23.75
CA SER B 545 12.02 -25.06 23.06
C SER B 545 10.59 -25.14 23.57
N SER B 546 10.15 -26.35 23.93
CA SER B 546 8.80 -26.55 24.42
C SER B 546 8.65 -27.70 25.44
N LEU B 547 7.78 -27.50 26.42
CA LEU B 547 7.32 -28.58 27.30
C LEU B 547 6.42 -29.61 26.59
N ILE B 548 5.87 -29.24 25.42
CA ILE B 548 5.06 -30.15 24.62
C ILE B 548 6.02 -31.04 23.84
N LYS B 549 6.03 -32.34 24.15
CA LYS B 549 7.05 -33.25 23.65
C LYS B 549 6.85 -33.77 22.22
N SER B 550 5.64 -33.65 21.67
CA SER B 550 5.35 -34.15 20.33
C SER B 550 5.99 -33.34 19.19
N PHE B 551 6.36 -32.08 19.45
CA PHE B 551 6.99 -31.24 18.41
C PHE B 551 8.46 -31.60 18.19
N GLY B 552 8.97 -31.31 17.00
CA GLY B 552 10.37 -31.58 16.71
C GLY B 552 11.30 -30.80 17.64
N ASN B 553 12.43 -31.43 17.99
CA ASN B 553 13.43 -30.81 18.86
C ASN B 553 14.86 -30.94 18.37
N ASP B 554 15.04 -31.35 17.12
CA ASP B 554 16.37 -31.53 16.55
C ASP B 554 17.06 -30.19 16.35
N THR B 555 18.38 -30.23 16.32
CA THR B 555 19.19 -29.04 16.25
C THR B 555 19.31 -28.63 14.80
N GLU B 556 18.97 -27.39 14.49
CA GLU B 556 19.12 -26.86 13.15
C GLU B 556 20.57 -26.44 12.98
N LEU B 557 21.07 -26.49 11.74
CA LEU B 557 22.45 -26.14 11.47
C LEU B 557 22.61 -25.50 10.09
N ALA B 558 23.31 -24.38 10.06
CA ALA B 558 23.73 -23.73 8.83
C ALA B 558 25.23 -23.48 8.89
N LYS B 559 25.88 -23.57 7.73
CA LYS B 559 27.26 -23.15 7.59
C LYS B 559 27.27 -21.66 7.25
N VAL B 560 28.16 -20.90 7.91
CA VAL B 560 28.34 -19.47 7.63
C VAL B 560 29.82 -19.19 7.52
N LYS B 561 30.23 -18.66 6.36
CA LYS B 561 31.59 -18.24 6.13
C LYS B 561 31.77 -16.77 6.49
N LEU B 562 32.53 -16.49 7.53
CA LEU B 562 32.95 -15.13 7.81
C LEU B 562 34.17 -14.78 6.93
N TYR B 563 33.95 -14.01 5.88
CA TYR B 563 35.03 -13.59 4.98
C TYR B 563 35.84 -12.51 5.70
N GLU B 564 37.09 -12.83 6.03
CA GLU B 564 37.94 -11.94 6.83
C GLU B 564 38.51 -10.87 5.91
N ILE B 565 38.52 -9.63 6.37
CA ILE B 565 38.96 -8.51 5.52
C ILE B 565 40.46 -8.22 5.74
N VAL B 566 41.16 -7.90 4.66
CA VAL B 566 42.60 -7.61 4.71
C VAL B 566 42.84 -6.49 5.73
N GLY B 567 43.74 -6.73 6.68
CA GLY B 567 44.09 -5.75 7.69
C GLY B 567 43.20 -5.74 8.92
N ALA B 568 42.12 -6.53 8.93
CA ALA B 568 41.22 -6.56 10.09
C ALA B 568 41.80 -7.50 11.13
N GLU B 569 41.61 -7.17 12.40
CA GLU B 569 42.05 -8.04 13.49
C GLU B 569 40.86 -8.76 14.12
N SER B 570 39.72 -8.79 13.41
CA SER B 570 38.51 -9.45 13.88
C SER B 570 37.63 -9.86 12.71
N LYS B 571 36.57 -10.61 13.01
CA LYS B 571 35.59 -11.02 12.00
C LYS B 571 34.18 -10.90 12.58
N THR B 572 33.23 -10.52 11.73
CA THR B 572 31.91 -10.07 12.19
C THR B 572 30.74 -10.85 11.60
N LEU B 573 29.82 -11.24 12.47
CA LEU B 573 28.56 -11.87 12.11
C LEU B 573 27.44 -10.86 12.39
N ASN B 574 26.74 -10.44 11.34
CA ASN B 574 25.52 -9.65 11.49
C ASN B 574 24.29 -10.56 11.45
N LEU B 575 23.60 -10.64 12.57
CA LEU B 575 22.50 -11.56 12.78
C LEU B 575 21.20 -10.78 12.94
N THR B 576 20.18 -11.16 12.19
CA THR B 576 18.82 -10.64 12.35
C THR B 576 17.88 -11.83 12.58
N VAL B 577 17.03 -11.72 13.60
CA VAL B 577 16.13 -12.82 13.95
C VAL B 577 14.71 -12.27 14.04
N PHE B 578 13.79 -12.94 13.34
CA PHE B 578 12.38 -12.67 13.43
C PHE B 578 11.70 -13.82 14.17
N VAL B 579 10.92 -13.45 15.18
CA VAL B 579 10.15 -14.37 15.99
C VAL B 579 8.71 -13.99 15.73
N ASP B 580 7.92 -14.94 15.25
CA ASP B 580 6.58 -14.66 14.78
C ASP B 580 5.68 -15.85 15.05
N GLY B 581 5.08 -15.84 16.23
CA GLY B 581 4.28 -16.97 16.70
C GLY B 581 5.22 -18.12 17.01
N SER B 582 5.24 -19.10 16.12
CA SER B 582 6.13 -20.25 16.22
C SER B 582 7.30 -20.17 15.25
N VAL B 583 7.27 -19.24 14.30
CA VAL B 583 8.36 -19.11 13.33
C VAL B 583 9.53 -18.38 13.98
N ILE B 584 10.71 -18.95 13.77
CA ILE B 584 11.97 -18.28 14.07
C ILE B 584 12.70 -18.24 12.74
N GLU B 585 12.94 -17.03 12.22
CA GLU B 585 13.58 -16.88 10.91
C GLU B 585 14.85 -16.03 11.04
N ILE B 586 15.98 -16.62 10.69
CA ILE B 586 17.30 -16.08 10.99
C ILE B 586 18.03 -15.73 9.71
N TYR B 587 18.62 -14.53 9.67
CA TYR B 587 19.38 -14.04 8.54
C TYR B 587 20.77 -13.64 9.02
N ALA B 588 21.80 -14.11 8.32
CA ALA B 588 23.19 -13.75 8.65
C ALA B 588 23.87 -13.12 7.44
N ASN B 589 24.41 -11.92 7.64
CA ASN B 589 25.24 -11.23 6.64
C ASN B 589 24.63 -11.09 5.26
N ASP B 590 23.30 -10.95 5.22
CA ASP B 590 22.56 -10.83 3.95
C ASP B 590 22.91 -11.95 2.98
N GLU B 591 23.02 -13.16 3.51
CA GLU B 591 23.55 -14.29 2.75
C GLU B 591 22.91 -15.61 3.19
N VAL B 592 22.96 -15.89 4.47
CA VAL B 592 22.52 -17.16 5.01
C VAL B 592 21.16 -17.00 5.70
N ALA B 593 20.25 -17.93 5.42
CA ALA B 593 18.92 -17.93 6.02
C ALA B 593 18.63 -19.27 6.64
N LEU B 594 17.95 -19.25 7.78
CA LEU B 594 17.53 -20.46 8.47
C LEU B 594 16.19 -20.20 9.12
N SER B 595 15.17 -20.95 8.69
CA SER B 595 13.81 -20.84 9.22
C SER B 595 13.52 -22.07 10.04
N THR B 596 12.94 -21.91 11.22
CA THR B 596 12.58 -23.07 12.02
C THR B 596 11.36 -22.77 12.87
N ARG B 597 10.99 -23.72 13.74
CA ARG B 597 9.77 -23.65 14.54
C ARG B 597 10.02 -23.94 16.01
N ALA B 598 9.33 -23.21 16.88
CA ALA B 598 9.36 -23.46 18.32
C ALA B 598 7.98 -23.21 18.87
N TYR B 599 7.49 -24.13 19.70
CA TYR B 599 6.12 -24.08 20.20
C TYR B 599 6.05 -24.14 21.75
N PRO B 600 6.72 -23.19 22.46
CA PRO B 600 6.61 -23.20 23.93
C PRO B 600 5.17 -23.05 24.40
N TRP B 601 4.80 -23.79 25.44
CA TRP B 601 3.45 -23.71 25.98
C TRP B 601 3.20 -22.46 26.86
N LEU B 602 4.17 -22.11 27.70
CA LEU B 602 3.92 -21.14 28.76
C LEU B 602 3.75 -19.73 28.19
N ALA B 603 2.77 -19.00 28.72
CA ALA B 603 2.49 -17.65 28.29
C ALA B 603 3.71 -16.73 28.40
N ASN B 604 4.55 -16.96 29.41
CA ASN B 604 5.72 -16.11 29.63
C ASN B 604 7.00 -16.58 28.92
N SER B 605 6.92 -17.60 28.06
CA SER B 605 8.07 -17.98 27.24
C SER B 605 8.22 -17.07 26.00
N THR B 606 8.41 -15.77 26.27
CA THR B 606 8.57 -14.75 25.24
C THR B 606 9.89 -13.97 25.32
N GLY B 607 10.68 -14.18 26.39
CA GLY B 607 11.88 -13.39 26.62
C GLY B 607 13.02 -13.66 25.66
N ALA B 608 14.01 -12.76 25.71
CA ALA B 608 15.16 -12.83 24.80
C ALA B 608 16.39 -12.12 25.37
N GLY B 609 17.55 -12.55 24.89
CA GLY B 609 18.80 -11.98 25.36
C GLY B 609 19.99 -12.61 24.68
N LEU B 610 21.18 -12.31 25.22
CA LEU B 610 22.44 -12.74 24.62
C LEU B 610 22.93 -14.07 25.20
N LEU B 611 23.52 -14.88 24.35
CA LEU B 611 24.15 -16.13 24.72
C LEU B 611 25.66 -15.97 24.58
N ALA B 612 26.40 -16.55 25.54
CA ALA B 612 27.87 -16.52 25.55
C ALA B 612 28.38 -17.86 26.05
N ASP B 613 29.39 -18.41 25.39
CA ASP B 613 30.04 -19.63 25.83
C ASP B 613 31.54 -19.57 25.48
N GLY B 614 32.37 -19.83 26.48
CA GLY B 614 33.82 -19.76 26.33
C GLY B 614 34.36 -18.35 26.11
N THR B 615 33.63 -17.33 26.56
CA THR B 615 34.14 -15.96 26.53
C THR B 615 34.95 -15.70 27.80
N THR B 616 36.15 -15.16 27.61
CA THR B 616 37.11 -14.89 28.69
C THR B 616 37.64 -13.47 28.58
N ALA B 617 38.56 -13.10 29.50
CA ALA B 617 39.29 -11.83 29.41
C ALA B 617 40.11 -11.74 28.11
N GLY B 618 40.63 -12.86 27.63
CA GLY B 618 41.42 -12.90 26.41
C GLY B 618 40.64 -13.25 25.15
N ASP B 619 39.55 -14.01 25.28
CA ASP B 619 38.71 -14.40 24.13
C ASP B 619 37.35 -13.70 24.28
N VAL B 620 37.24 -12.54 23.64
CA VAL B 620 36.17 -11.59 23.92
C VAL B 620 35.27 -11.45 22.68
N VAL B 621 33.95 -11.37 22.90
CA VAL B 621 33.00 -11.13 21.79
C VAL B 621 32.32 -9.79 22.01
N GLY B 622 32.52 -8.86 21.07
CA GLY B 622 31.91 -7.53 21.14
C GLY B 622 30.59 -7.53 20.40
N VAL B 623 29.52 -7.19 21.10
CA VAL B 623 28.20 -7.13 20.49
C VAL B 623 27.75 -5.66 20.43
N SER B 624 27.45 -5.19 19.22
CA SER B 624 26.98 -3.84 19.00
C SER B 624 25.81 -3.85 17.99
N GLY B 625 25.25 -2.68 17.70
CA GLY B 625 24.10 -2.57 16.80
C GLY B 625 22.89 -3.35 17.30
N LEU B 626 22.75 -3.48 18.62
CA LEU B 626 21.68 -4.28 19.21
C LEU B 626 20.36 -3.51 19.21
N GLU B 627 19.32 -4.15 18.69
CA GLU B 627 17.98 -3.57 18.66
C GLU B 627 16.94 -4.65 18.84
N LEU B 628 15.92 -4.33 19.63
CA LEU B 628 14.73 -5.14 19.77
C LEU B 628 13.57 -4.35 19.15
N TRP B 629 12.83 -4.99 18.23
CA TRP B 629 11.59 -4.45 17.68
C TRP B 629 10.44 -5.30 18.21
N ASP B 630 9.71 -4.77 19.18
CA ASP B 630 8.60 -5.48 19.79
C ASP B 630 7.27 -5.16 19.09
N GLY B 631 6.63 -6.21 18.55
CA GLY B 631 5.26 -6.11 18.01
C GLY B 631 5.16 -6.45 16.53
N LEU B 632 6.13 -5.99 15.73
CA LEU B 632 6.10 -6.11 14.28
C LEU B 632 4.80 -5.48 13.70
N VAL B 633 4.16 -6.12 12.71
CA VAL B 633 2.98 -5.60 12.03
C VAL B 633 1.94 -6.69 12.03
N ASP B 634 0.69 -6.29 12.15
CA ASP B 634 -0.45 -7.16 11.88
C ASP B 634 -0.55 -7.31 10.33
N ALA B 635 -0.09 -8.45 9.79
CA ALA B 635 -0.05 -8.65 8.34
C ALA B 635 -1.42 -8.82 7.66
N TRP B 636 -2.46 -9.16 8.42
CA TRP B 636 -3.80 -9.42 7.90
C TRP B 636 -4.84 -8.60 8.66
N PRO B 637 -4.79 -7.27 8.50
CA PRO B 637 -5.63 -6.41 9.34
C PRO B 637 -7.12 -6.67 9.23
N ALA B 638 -7.61 -7.12 8.09
CA ALA B 638 -9.05 -7.39 7.94
C ALA B 638 -9.48 -8.71 8.57
N ARG B 639 -8.54 -9.60 8.86
CA ARG B 639 -8.88 -10.89 9.45
C ARG B 639 -9.10 -10.78 10.96
N PRO B 640 -10.14 -11.42 11.50
CA PRO B 640 -10.16 -11.59 12.95
C PRO B 640 -9.07 -12.54 13.43
N ALA B 641 -8.89 -12.63 14.74
CA ALA B 641 -7.86 -13.48 15.34
C ALA B 641 -8.08 -14.97 14.99
N ASN B 642 -9.35 -15.40 15.02
CA ASN B 642 -9.69 -16.77 14.65
C ASN B 642 -10.44 -16.81 13.31
N THR B 643 -9.74 -17.21 12.25
CA THR B 643 -10.32 -17.37 10.92
C THR B 643 -10.61 -18.84 10.57
N SER B 644 -10.60 -19.72 11.57
CA SER B 644 -11.04 -21.09 11.36
C SER B 644 -12.47 -21.15 10.86
N GLN B 645 -12.75 -22.08 9.96
CA GLN B 645 -14.11 -22.41 9.58
C GLN B 645 -14.41 -23.87 9.94
N GLY B 646 -13.66 -24.44 10.87
CA GLY B 646 -13.78 -25.84 11.20
C GLY B 646 -13.06 -26.72 10.20
N LEU B 647 -12.99 -28.01 10.54
CA LEU B 647 -12.34 -29.00 9.70
C LEU B 647 -13.36 -30.05 9.28
N VAL B 648 -13.11 -30.65 8.13
CA VAL B 648 -14.01 -31.65 7.58
C VAL B 648 -13.24 -32.89 7.15
N TRP B 649 -13.97 -34.00 7.08
CA TRP B 649 -13.46 -35.27 6.62
C TRP B 649 -14.09 -35.58 5.27
N ASP B 650 -13.28 -36.05 4.32
CA ASP B 650 -13.75 -36.42 3.00
C ASP B 650 -14.62 -37.70 3.01
N GLY B 651 -14.52 -38.49 4.06
CA GLY B 651 -15.31 -39.70 4.22
C GLY B 651 -14.59 -40.92 3.69
N PRO B 652 -15.29 -42.06 3.64
CA PRO B 652 -14.67 -43.31 3.23
C PRO B 652 -14.14 -43.35 1.80
N THR B 653 -14.68 -42.52 0.89
CA THR B 653 -14.17 -42.52 -0.49
C THR B 653 -12.73 -42.00 -0.60
N ALA B 654 -12.23 -41.26 0.38
CA ALA B 654 -10.83 -40.77 0.28
C ALA B 654 -9.85 -41.93 0.13
N ALA B 655 -10.03 -42.96 0.96
CA ALA B 655 -9.19 -44.16 0.88
C ALA B 655 -9.47 -44.97 -0.39
N MET B 656 -10.71 -44.96 -0.88
CA MET B 656 -11.05 -45.63 -2.13
C MET B 656 -10.35 -45.01 -3.32
N TYR B 657 -10.38 -43.68 -3.43
CA TYR B 657 -9.71 -43.00 -4.55
C TYR B 657 -8.20 -43.05 -4.36
N GLY B 658 -7.74 -42.99 -3.12
CA GLY B 658 -6.32 -43.15 -2.79
C GLY B 658 -5.45 -41.95 -3.10
N LEU B 659 -6.04 -40.79 -3.35
CA LEU B 659 -5.27 -39.61 -3.82
C LEU B 659 -4.90 -38.65 -2.69
N PHE B 660 -5.81 -38.49 -1.73
CA PHE B 660 -5.68 -37.52 -0.66
C PHE B 660 -5.92 -38.22 0.67
N ALA B 661 -5.26 -37.76 1.73
CA ALA B 661 -5.48 -38.33 3.07
C ALA B 661 -6.94 -38.25 3.48
N GLY B 662 -7.59 -37.13 3.16
CA GLY B 662 -9.02 -36.97 3.42
C GLY B 662 -9.35 -36.05 4.57
N TYR B 663 -8.34 -35.54 5.27
CA TYR B 663 -8.55 -34.68 6.46
C TYR B 663 -7.48 -33.61 6.50
#